data_9PXW
#
_entry.id   9PXW
#
_cell.length_a   1.00
_cell.length_b   1.00
_cell.length_c   1.00
_cell.angle_alpha   90.00
_cell.angle_beta   90.00
_cell.angle_gamma   90.00
#
_symmetry.space_group_name_H-M   'P 1'
#
loop_
_entity.id
_entity.type
_entity.pdbx_description
1 polymer 'Guanine nucleotide-binding protein G(i) subunit alpha-1'
2 polymer 'Guanine nucleotide-binding protein G(I)/G(S)/G(T) subunit beta-1'
3 polymer 'Guanine nucleotide-binding protein G(I)/G(S)/G(O) subunit gamma-2'
4 polymer 'Soluble cytochrome b562,Mu-type opioid receptor'
5 non-polymer "5'-O-[(R)-hydroxy(thiophosphonooxy)phosphoryl]guanosine"
6 non-polymer Naloxone
#
loop_
_entity_poly.entity_id
_entity_poly.type
_entity_poly.pdbx_seq_one_letter_code
_entity_poly.pdbx_strand_id
1 'polypeptide(L)'
;MGCTLSAEDKAAVERSKMIDRNLREDGEKAAREVKLLLLGAGESGKSTIVKQMKIIHEAGYSEEECKQYKAVVYSNTIQS
IIAIIRAMGRLKIDFGDSARADDARQLFVLAGAAEEGFMTAELAGVIKRLWKDSGVQACFNRSREYQLNDSAAYYLNDLD
RIAQPNYIPTQQDVLRTRVKTTGIVETHFTFKDLHFKMFDVGGQRSERKKWIHCFEGVTAIIFCVALSDYDLVLAEDEEM
NRMHESMKLFDSICNNKWFTDTSIILFLNKKDLFEEKIKKSPLTICYPEYAGSNTYEEAAAYIQCQFEDLNKRKDTKEIY
THFTCATDTKNVQFVFDAVTDVIIKNNLKDCGLF
;
A
2 'polypeptide(L)'
;HHHHHHHHHHLEVLFQGPGSSGSELDQLRQEAEQLKNQIRDARKACADATLSQITNNIDPVGRIQMRTRRTLRGHLAKIY
AMHWGTDSRLLVSASQDGKLIIWDSYTTNKVHAIPLRSSWVMTCAYAPSGNYVACGGLDNICSIYNLKTREGNVRVSREL
AGHTGYLSCCRFLDDNQIVTSSGDTTCALWDIETGQQTTTFTGHTGDVMSLSLAPDTRLFVSGACDASAKLWDVREGMCR
QTFTGHESDINAICFFPNGNAFATGSDDATCRLFDLRADQELMTYSHDNIICGITSVSFSKSGRLLLAGYDDFNCNVWDA
LKADRAGVLAGHDNRVSCLGVTDDGMAVATGSWDSFLKIWN
;
B
3 'polypeptide(L)' MASNNTASIAQARKLVEQLKMEANIDRIKVSKAAADLMAYCEAHAKEDPLLTPVPASENPFREKKFFCAIL C
4 'polypeptide(L)'
;MKTIIALSYIFCLVFADYKDHDGDYKDHDIDYKDDDDKLHHHHHHHHHHLEVLFQGPGSGSADLEDNWETLNDNLKVIEK
ADNAAQVKDALTKMRAAALDAQKATPPKLEDKSPDSPEMKDFRHGFDILVGQIDDALKLANEGKVKEAQAAAEQLKTTRN
AYIQKYLGTGSDSSAAPTNASNCTDALAYSSCSPAPSPGSWVNLSHLDGNLSDPCGPNRTDLGGRDSLCPPTGSPSMITA
ITIMALYSIVCVVGLFGNFLVMYVIVRYTKMKTATNIYIFNLALADALATSTLPFQSVNYLMGTWPFGTILCKIVISIDY
YNMFTSIFTLCTMSVDRYIAVCHPVKALDFRTPRNAKIINVCNWILSSAIGLPVMFMATTKYRQGSIDCTLTFSHPTWYW
ENLLKICVFIFAFIMPVLIITVCYGLMILRLKSVRMLSGSKEKDRNLRRITRMVLVVVAVFIVCWTPIHIYVIIKALVTI
PETTFQTVSWHFCIALGYTNSCLNPVLYAFLDENFKRCFREFCIPTSSNIEQQNSTRIRQNTRDHPSTANTVDRTNHQLE
NLEAETAPLPAAALEVLFQGPGSWSHPQFEKGGGSGGGSGGSSAWSHPQFEKHHHHHHHHHH
;
R
#
loop_
_chem_comp.id
_chem_comp.type
_chem_comp.name
_chem_comp.formula
A1APV non-polymer Naloxone 'C19 H21 N O4'
VSN RNA linking 5'-O-[(R)-hydroxy(thiophosphonooxy)phosphoryl]guanosine 'C10 H15 N5 O10 P2 S'
#
# COMPACT_ATOMS: atom_id res chain seq x y z
N LEU A 5 -23.88 -19.23 -18.02
CA LEU A 5 -24.85 -20.28 -18.28
C LEU A 5 -25.60 -20.03 -19.59
N SER A 6 -24.84 -19.99 -20.69
CA SER A 6 -25.34 -19.78 -22.05
C SER A 6 -26.11 -18.47 -22.16
N ALA A 7 -25.35 -17.38 -22.00
CA ALA A 7 -25.88 -16.03 -22.08
C ALA A 7 -25.20 -15.26 -23.20
N GLU A 8 -25.70 -14.06 -23.47
CA GLU A 8 -25.16 -13.20 -24.52
C GLU A 8 -23.97 -12.39 -24.05
N ASP A 9 -23.74 -12.29 -22.74
CA ASP A 9 -22.68 -11.47 -22.17
C ASP A 9 -21.30 -12.13 -22.21
N LYS A 10 -21.12 -13.16 -23.04
CA LYS A 10 -19.81 -13.79 -23.20
C LYS A 10 -18.78 -12.81 -23.75
N ALA A 11 -19.23 -11.81 -24.53
CA ALA A 11 -18.31 -10.80 -25.03
C ALA A 11 -17.71 -9.99 -23.89
N ALA A 12 -18.51 -9.64 -22.89
CA ALA A 12 -18.00 -8.90 -21.74
C ALA A 12 -17.01 -9.72 -20.93
N VAL A 13 -17.27 -11.02 -20.77
CA VAL A 13 -16.36 -11.89 -20.06
C VAL A 13 -15.04 -12.05 -20.82
N GLU A 14 -15.12 -12.18 -22.14
CA GLU A 14 -13.91 -12.29 -22.95
C GLU A 14 -13.10 -11.00 -22.92
N ARG A 15 -13.78 -9.84 -22.96
CA ARG A 15 -13.08 -8.57 -22.84
C ARG A 15 -12.41 -8.43 -21.48
N SER A 16 -13.09 -8.86 -20.41
CA SER A 16 -12.49 -8.84 -19.09
C SER A 16 -11.28 -9.76 -19.00
N LYS A 17 -11.34 -10.92 -19.67
CA LYS A 17 -10.22 -11.84 -19.66
C LYS A 17 -9.02 -11.27 -20.42
N MET A 18 -9.27 -10.58 -21.54
CA MET A 18 -8.19 -9.89 -22.24
C MET A 18 -7.59 -8.79 -21.37
N ILE A 19 -8.46 -8.07 -20.64
CA ILE A 19 -8.01 -7.02 -19.74
C ILE A 19 -7.09 -7.58 -18.66
N ASP A 20 -7.53 -8.66 -18.00
CA ASP A 20 -6.71 -9.18 -16.91
C ASP A 20 -5.46 -9.90 -17.42
N ARG A 21 -5.49 -10.42 -18.64
CA ARG A 21 -4.28 -10.98 -19.23
C ARG A 21 -3.23 -9.91 -19.48
N ASN A 22 -3.65 -8.79 -20.10
CA ASN A 22 -2.71 -7.68 -20.32
C ASN A 22 -2.23 -7.10 -19.00
N LEU A 23 -3.12 -7.04 -18.00
CA LEU A 23 -2.75 -6.49 -16.71
C LEU A 23 -1.78 -7.42 -15.98
N ARG A 24 -1.94 -8.73 -16.12
CA ARG A 24 -1.00 -9.68 -15.51
C ARG A 24 0.36 -9.60 -16.19
N GLU A 25 0.39 -9.43 -17.51
CA GLU A 25 1.67 -9.21 -18.19
C GLU A 25 2.34 -7.94 -17.70
N ASP A 26 1.58 -6.87 -17.53
CA ASP A 26 2.14 -5.62 -17.03
C ASP A 26 2.64 -5.77 -15.60
N GLY A 27 1.92 -6.52 -14.77
CA GLY A 27 2.38 -6.75 -13.41
C GLY A 27 3.63 -7.60 -13.34
N GLU A 28 3.76 -8.58 -14.24
CA GLU A 28 4.99 -9.35 -14.34
C GLU A 28 6.16 -8.47 -14.74
N LYS A 29 5.93 -7.56 -15.70
CA LYS A 29 6.99 -6.64 -16.11
C LYS A 29 7.38 -5.69 -14.98
N ALA A 30 6.39 -5.19 -14.23
CA ALA A 30 6.65 -4.25 -13.15
C ALA A 30 7.26 -4.91 -11.94
N ALA A 31 7.06 -6.21 -11.73
CA ALA A 31 7.67 -6.90 -10.61
C ALA A 31 9.13 -7.25 -10.86
N ARG A 32 9.61 -7.11 -12.10
CA ARG A 32 10.95 -7.50 -12.50
C ARG A 32 11.81 -6.26 -12.77
N GLU A 33 11.67 -5.23 -11.94
CA GLU A 33 12.42 -4.00 -12.12
C GLU A 33 12.87 -3.48 -10.76
N VAL A 34 13.86 -2.61 -10.80
CA VAL A 34 14.46 -2.00 -9.61
C VAL A 34 13.97 -0.57 -9.51
N LYS A 35 13.39 -0.21 -8.37
CA LYS A 35 12.86 1.12 -8.15
C LYS A 35 13.79 1.87 -7.20
N LEU A 36 14.31 3.01 -7.65
CA LEU A 36 15.19 3.85 -6.85
C LEU A 36 14.48 5.16 -6.56
N LEU A 37 14.41 5.53 -5.30
CA LEU A 37 13.80 6.79 -4.89
C LEU A 37 14.90 7.74 -4.43
N LEU A 38 15.02 8.88 -5.11
CA LEU A 38 15.99 9.89 -4.75
C LEU A 38 15.39 10.85 -3.74
N LEU A 39 16.08 11.01 -2.61
CA LEU A 39 15.63 11.88 -1.55
C LEU A 39 16.76 12.78 -1.10
N GLY A 40 16.44 13.74 -0.25
CA GLY A 40 17.45 14.62 0.29
C GLY A 40 17.01 16.05 0.35
N ALA A 41 17.80 16.91 1.00
CA ALA A 41 17.44 18.31 1.16
C ALA A 41 17.60 19.06 -0.16
N GLY A 42 17.24 20.33 -0.14
CA GLY A 42 17.30 21.13 -1.35
C GLY A 42 18.71 21.44 -1.79
N GLU A 43 18.89 21.55 -3.11
CA GLU A 43 20.17 21.83 -3.75
C GLU A 43 21.24 20.82 -3.35
N SER A 44 20.88 19.55 -3.41
CA SER A 44 21.77 18.46 -3.03
C SER A 44 22.16 17.57 -4.20
N GLY A 45 21.67 17.85 -5.40
CA GLY A 45 22.11 17.15 -6.59
C GLY A 45 21.24 16.02 -7.08
N LYS A 46 19.97 15.96 -6.69
CA LYS A 46 19.11 14.86 -7.10
C LYS A 46 18.78 14.94 -8.58
N SER A 47 18.41 16.13 -9.06
CA SER A 47 18.10 16.30 -10.47
C SER A 47 19.33 16.12 -11.35
N THR A 48 20.51 16.48 -10.85
CA THR A 48 21.74 16.23 -11.60
C THR A 48 22.02 14.73 -11.71
N ILE A 49 21.70 13.97 -10.66
CA ILE A 49 21.81 12.52 -10.73
C ILE A 49 20.84 11.96 -11.77
N VAL A 50 19.62 12.52 -11.81
CA VAL A 50 18.64 12.10 -12.82
C VAL A 50 19.15 12.37 -14.23
N LYS A 51 19.72 13.57 -14.44
CA LYS A 51 20.26 13.89 -15.76
C LYS A 51 21.48 13.05 -16.10
N GLN A 52 22.27 12.66 -15.10
CA GLN A 52 23.43 11.81 -15.37
C GLN A 52 22.99 10.38 -15.74
N MET A 53 21.95 9.88 -15.09
CA MET A 53 21.40 8.59 -15.48
C MET A 53 20.75 8.66 -16.85
N LYS A 54 20.25 9.83 -17.23
CA LYS A 54 19.81 10.04 -18.61
C LYS A 54 20.99 10.00 -19.58
N ILE A 55 22.13 10.57 -19.17
CA ILE A 55 23.29 10.65 -20.05
C ILE A 55 23.88 9.26 -20.27
N ILE A 56 24.10 8.52 -19.18
CA ILE A 56 24.89 7.29 -19.27
C ILE A 56 24.10 6.19 -19.98
N HIS A 57 22.85 5.98 -19.57
CA HIS A 57 22.08 4.81 -19.98
C HIS A 57 21.08 5.11 -21.08
N GLU A 58 21.24 6.24 -21.78
CA GLU A 58 20.44 6.56 -22.95
C GLU A 58 21.38 7.18 -23.97
N ALA A 59 20.81 7.84 -24.98
CA ALA A 59 21.64 8.54 -25.96
C ALA A 59 22.26 9.82 -25.40
N GLY A 60 21.81 10.28 -24.23
CA GLY A 60 22.33 11.51 -23.67
C GLY A 60 21.41 12.68 -23.92
N TYR A 61 21.90 13.67 -24.67
CA TYR A 61 21.11 14.84 -25.02
C TYR A 61 21.31 15.14 -26.50
N SER A 62 20.22 15.39 -27.21
CA SER A 62 20.27 15.67 -28.63
C SER A 62 20.49 17.17 -28.85
N GLU A 63 20.45 17.60 -30.11
CA GLU A 63 20.60 19.02 -30.42
C GLU A 63 19.41 19.83 -29.93
N GLU A 64 18.19 19.29 -30.07
CA GLU A 64 17.00 19.99 -29.60
C GLU A 64 16.97 20.09 -28.08
N GLU A 65 17.31 18.99 -27.40
CA GLU A 65 17.30 19.01 -25.94
C GLU A 65 18.40 19.90 -25.37
N CYS A 66 19.52 20.04 -26.08
CA CYS A 66 20.55 20.97 -25.65
C CYS A 66 20.14 22.41 -25.93
N LYS A 67 19.52 22.66 -27.08
CA LYS A 67 19.15 24.03 -27.45
C LYS A 67 17.93 24.52 -26.68
N GLN A 68 17.15 23.63 -26.08
CA GLN A 68 16.02 24.08 -25.27
C GLN A 68 16.44 24.55 -23.88
N TYR A 69 17.67 24.28 -23.47
CA TYR A 69 18.16 24.67 -22.15
C TYR A 69 18.90 26.00 -22.18
N LYS A 70 19.04 26.63 -23.34
CA LYS A 70 19.82 27.85 -23.46
C LYS A 70 19.20 29.01 -22.67
N ALA A 71 17.87 29.15 -22.76
CA ALA A 71 17.20 30.22 -22.03
C ALA A 71 17.28 29.99 -20.52
N VAL A 72 17.20 28.73 -20.09
CA VAL A 72 17.30 28.43 -18.67
C VAL A 72 18.72 28.69 -18.16
N VAL A 73 19.72 28.39 -18.99
CA VAL A 73 21.11 28.68 -18.65
C VAL A 73 21.31 30.20 -18.50
N TYR A 74 20.76 30.96 -19.44
CA TYR A 74 20.84 32.42 -19.38
C TYR A 74 20.16 32.95 -18.12
N SER A 75 18.97 32.41 -17.80
CA SER A 75 18.24 32.84 -16.61
C SER A 75 19.00 32.51 -15.33
N ASN A 76 19.65 31.34 -15.30
CA ASN A 76 20.44 30.96 -14.12
C ASN A 76 21.64 31.87 -13.93
N THR A 77 22.34 32.20 -15.03
CA THR A 77 23.46 33.13 -14.95
C THR A 77 23.00 34.51 -14.48
N ILE A 78 21.87 34.98 -15.02
CA ILE A 78 21.35 36.29 -14.65
C ILE A 78 20.94 36.30 -13.17
N GLN A 79 20.29 35.24 -12.71
CA GLN A 79 19.87 35.16 -11.31
C GLN A 79 21.07 35.12 -10.37
N SER A 80 22.11 34.37 -10.74
CA SER A 80 23.30 34.29 -9.90
C SER A 80 24.02 35.63 -9.82
N ILE A 81 24.14 36.34 -10.95
CA ILE A 81 24.83 37.62 -10.90
C ILE A 81 23.99 38.68 -10.18
N ILE A 82 22.66 38.61 -10.30
CA ILE A 82 21.81 39.53 -9.55
C ILE A 82 21.90 39.26 -8.05
N ALA A 83 21.97 37.98 -7.66
CA ALA A 83 22.14 37.66 -6.25
C ALA A 83 23.50 38.14 -5.74
N ILE A 84 24.55 37.99 -6.55
CA ILE A 84 25.88 38.47 -6.17
C ILE A 84 25.88 39.98 -5.98
N ILE A 85 25.26 40.71 -6.92
CA ILE A 85 25.21 42.17 -6.81
C ILE A 85 24.39 42.60 -5.61
N ARG A 86 23.23 41.98 -5.39
CA ARG A 86 22.36 42.39 -4.30
C ARG A 86 22.87 41.95 -2.94
N ALA A 87 23.82 41.01 -2.89
CA ALA A 87 24.47 40.67 -1.63
C ALA A 87 25.36 41.80 -1.13
N MET A 88 25.79 42.70 -2.01
CA MET A 88 26.59 43.85 -1.58
C MET A 88 25.80 44.79 -0.68
N GLY A 89 24.48 44.86 -0.88
CA GLY A 89 23.66 45.70 -0.02
C GLY A 89 23.57 45.17 1.39
N ARG A 90 23.43 43.85 1.55
CA ARG A 90 23.34 43.25 2.87
C ARG A 90 24.70 42.92 3.47
N LEU A 91 25.78 43.07 2.70
CA LEU A 91 27.12 42.80 3.20
C LEU A 91 27.95 44.07 3.38
N LYS A 92 27.53 45.19 2.81
CA LYS A 92 28.20 46.49 2.89
C LYS A 92 29.65 46.40 2.38
N ILE A 93 29.78 46.10 1.09
CA ILE A 93 31.06 45.96 0.44
C ILE A 93 31.21 47.07 -0.60
N ASP A 94 32.31 47.81 -0.52
CA ASP A 94 32.58 48.85 -1.50
C ASP A 94 33.02 48.24 -2.82
N PHE A 95 32.61 48.86 -3.91
CA PHE A 95 33.00 48.39 -5.23
C PHE A 95 34.46 48.74 -5.51
N GLY A 96 35.10 47.93 -6.35
CA GLY A 96 36.47 48.22 -6.75
C GLY A 96 36.58 49.47 -7.61
N ASP A 97 35.60 49.69 -8.49
CA ASP A 97 35.59 50.86 -9.36
C ASP A 97 34.27 51.60 -9.20
N SER A 98 34.30 52.90 -9.49
CA SER A 98 33.11 53.73 -9.33
C SER A 98 32.09 53.45 -10.41
N ALA A 99 32.52 52.98 -11.58
CA ALA A 99 31.60 52.68 -12.67
C ALA A 99 30.78 51.42 -12.43
N ARG A 100 31.12 50.62 -11.41
CA ARG A 100 30.40 49.39 -11.16
C ARG A 100 29.01 49.64 -10.61
N ALA A 101 28.80 50.77 -9.94
CA ALA A 101 27.43 51.14 -9.53
C ALA A 101 26.56 51.42 -10.75
N ASP A 102 27.11 52.13 -11.74
CA ASP A 102 26.39 52.35 -12.99
C ASP A 102 26.16 51.03 -13.72
N ASP A 103 27.15 50.13 -13.66
CA ASP A 103 26.99 48.82 -14.28
C ASP A 103 25.89 48.01 -13.61
N ALA A 104 25.80 48.08 -12.28
CA ALA A 104 24.75 47.37 -11.56
C ALA A 104 23.37 47.95 -11.87
N ARG A 105 23.28 49.28 -11.96
CA ARG A 105 22.01 49.90 -12.34
C ARG A 105 21.61 49.54 -13.77
N GLN A 106 22.58 49.49 -14.68
CA GLN A 106 22.30 49.07 -16.05
C GLN A 106 21.89 47.61 -16.12
N LEU A 107 22.50 46.77 -15.26
CA LEU A 107 22.10 45.38 -15.17
C LEU A 107 20.66 45.24 -14.70
N PHE A 108 20.28 46.04 -13.70
CA PHE A 108 18.89 46.03 -13.25
C PHE A 108 17.96 46.57 -14.34
N VAL A 109 18.43 47.49 -15.17
CA VAL A 109 17.61 48.03 -16.25
C VAL A 109 17.35 46.96 -17.33
N LEU A 110 18.41 46.28 -17.77
CA LEU A 110 18.24 45.26 -18.80
C LEU A 110 17.59 43.98 -18.28
N ALA A 111 17.58 43.76 -16.97
CA ALA A 111 16.89 42.62 -16.38
C ALA A 111 15.46 42.95 -16.00
N GLY A 112 14.85 43.93 -16.66
CA GLY A 112 13.44 44.21 -16.42
C GLY A 112 12.54 43.08 -16.88
N ALA A 113 12.89 42.43 -17.98
CA ALA A 113 12.10 41.33 -18.50
C ALA A 113 12.23 40.11 -17.59
N ALA A 114 11.09 39.53 -17.23
CA ALA A 114 11.05 38.38 -16.33
C ALA A 114 10.46 37.16 -17.01
N GLU A 115 10.65 37.05 -18.33
CA GLU A 115 10.17 35.90 -19.09
C GLU A 115 11.28 34.89 -19.35
N GLU A 116 12.40 35.33 -19.95
CA GLU A 116 13.52 34.46 -20.23
C GLU A 116 14.79 35.29 -20.28
N GLY A 117 15.93 34.60 -20.17
CA GLY A 117 17.21 35.27 -20.26
C GLY A 117 17.52 35.64 -21.70
N PHE A 118 17.82 36.92 -21.93
CA PHE A 118 18.12 37.42 -23.26
C PHE A 118 19.60 37.28 -23.59
N MET A 119 20.45 37.89 -22.75
CA MET A 119 21.91 37.89 -22.91
C MET A 119 22.32 38.45 -24.27
N THR A 120 22.04 39.73 -24.46
CA THR A 120 22.44 40.44 -25.66
C THR A 120 23.91 40.86 -25.53
N ALA A 121 24.39 41.67 -26.47
CA ALA A 121 25.78 42.12 -26.42
C ALA A 121 26.01 43.07 -25.26
N GLU A 122 25.05 43.97 -25.00
CA GLU A 122 25.18 44.91 -23.90
C GLU A 122 25.16 44.20 -22.55
N LEU A 123 24.26 43.23 -22.40
CA LEU A 123 24.21 42.44 -21.17
C LEU A 123 25.49 41.64 -20.97
N ALA A 124 26.01 41.07 -22.06
CA ALA A 124 27.28 40.35 -21.99
C ALA A 124 28.42 41.26 -21.54
N GLY A 125 28.48 42.46 -22.11
CA GLY A 125 29.52 43.39 -21.73
C GLY A 125 29.41 43.86 -20.28
N VAL A 126 28.19 44.13 -19.82
CA VAL A 126 28.05 44.63 -18.46
C VAL A 126 28.34 43.54 -17.43
N ILE A 127 27.95 42.29 -17.72
CA ILE A 127 28.25 41.22 -16.78
C ILE A 127 29.73 40.89 -16.80
N LYS A 128 30.36 40.96 -17.97
CA LYS A 128 31.80 40.72 -18.05
C LYS A 128 32.58 41.81 -17.32
N ARG A 129 32.12 43.06 -17.41
CA ARG A 129 32.76 44.15 -16.67
C ARG A 129 32.57 44.00 -15.17
N LEU A 130 31.38 43.59 -14.74
CA LEU A 130 31.15 43.38 -13.32
C LEU A 130 31.90 42.17 -12.78
N TRP A 131 32.19 41.20 -13.64
CA TRP A 131 32.81 39.97 -13.18
C TRP A 131 34.28 40.15 -12.84
N LYS A 132 34.94 41.13 -13.45
CA LYS A 132 36.35 41.39 -13.19
C LYS A 132 36.60 42.31 -12.00
N ASP A 133 35.54 42.87 -11.42
CA ASP A 133 35.72 43.79 -10.31
C ASP A 133 36.17 43.05 -9.05
N SER A 134 37.09 43.67 -8.31
CA SER A 134 37.65 43.02 -7.13
C SER A 134 36.63 42.92 -6.00
N GLY A 135 35.75 43.92 -5.88
CA GLY A 135 34.70 43.85 -4.87
C GLY A 135 33.68 42.76 -5.17
N VAL A 136 33.36 42.56 -6.45
CA VAL A 136 32.43 41.51 -6.84
C VAL A 136 33.01 40.14 -6.56
N GLN A 137 34.29 39.93 -6.90
CA GLN A 137 34.94 38.66 -6.61
C GLN A 137 35.08 38.44 -5.10
N ALA A 138 35.32 39.52 -4.35
CA ALA A 138 35.37 39.42 -2.90
C ALA A 138 34.02 39.02 -2.31
N CYS A 139 32.94 39.59 -2.85
CA CYS A 139 31.60 39.23 -2.38
C CYS A 139 31.27 37.79 -2.74
N PHE A 140 31.70 37.34 -3.92
CA PHE A 140 31.53 35.94 -4.28
C PHE A 140 32.33 35.03 -3.37
N ASN A 141 33.50 35.49 -2.90
CA ASN A 141 34.35 34.67 -2.04
C ASN A 141 33.79 34.54 -0.62
N ARG A 142 32.82 35.36 -0.23
CA ARG A 142 32.15 35.24 1.06
C ARG A 142 30.70 34.79 0.89
N SER A 143 30.50 33.82 -0.02
CA SER A 143 29.15 33.34 -0.34
C SER A 143 28.47 32.61 0.81
N ARG A 144 29.23 32.18 1.82
CA ARG A 144 28.64 31.45 2.94
C ARG A 144 27.81 32.34 3.86
N GLU A 145 27.88 33.66 3.70
CA GLU A 145 27.10 34.57 4.53
C GLU A 145 25.70 34.84 3.99
N TYR A 146 25.38 34.33 2.80
CA TYR A 146 24.06 34.51 2.21
C TYR A 146 23.75 33.31 1.34
N GLN A 147 22.71 33.42 0.52
CA GLN A 147 22.28 32.33 -0.34
C GLN A 147 22.69 32.62 -1.77
N LEU A 148 23.43 31.70 -2.38
CA LEU A 148 23.88 31.84 -3.76
C LEU A 148 23.74 30.50 -4.46
N ASN A 149 23.55 30.56 -5.78
CA ASN A 149 23.46 29.36 -6.59
C ASN A 149 24.82 28.66 -6.63
N ASP A 150 24.79 27.33 -6.54
CA ASP A 150 26.02 26.55 -6.43
C ASP A 150 26.82 26.53 -7.71
N SER A 151 26.19 26.73 -8.86
CA SER A 151 26.87 26.77 -10.15
C SER A 151 27.11 28.20 -10.63
N ALA A 152 27.26 29.14 -9.69
CA ALA A 152 27.46 30.54 -10.07
C ALA A 152 28.85 30.76 -10.66
N ALA A 153 29.87 30.21 -10.00
CA ALA A 153 31.24 30.39 -10.46
C ALA A 153 31.47 29.73 -11.81
N TYR A 154 30.91 28.53 -12.00
CA TYR A 154 31.06 27.84 -13.28
C TYR A 154 30.43 28.62 -14.41
N TYR A 155 29.22 29.15 -14.20
CA TYR A 155 28.52 29.86 -15.26
C TYR A 155 29.16 31.20 -15.55
N LEU A 156 29.54 31.94 -14.51
CA LEU A 156 30.09 33.27 -14.72
C LEU A 156 31.55 33.23 -15.16
N ASN A 157 32.25 32.12 -14.95
CA ASN A 157 33.65 32.04 -15.35
C ASN A 157 33.80 31.88 -16.86
N ASP A 158 32.95 31.06 -17.47
CA ASP A 158 32.95 30.89 -18.93
C ASP A 158 31.87 31.73 -19.59
N LEU A 159 31.65 32.94 -19.06
CA LEU A 159 30.63 33.84 -19.58
C LEU A 159 30.93 34.25 -21.03
N ASP A 160 32.20 34.24 -21.42
CA ASP A 160 32.56 34.64 -22.78
C ASP A 160 31.99 33.69 -23.83
N ARG A 161 32.08 32.38 -23.58
CA ARG A 161 31.52 31.42 -24.52
C ARG A 161 30.03 31.19 -24.33
N ILE A 162 29.50 31.49 -23.13
CA ILE A 162 28.07 31.38 -22.91
C ILE A 162 27.32 32.45 -23.70
N ALA A 163 27.84 33.69 -23.68
CA ALA A 163 27.14 34.83 -24.25
C ALA A 163 27.32 34.97 -25.75
N GLN A 164 27.87 33.97 -26.42
CA GLN A 164 28.00 34.01 -27.87
C GLN A 164 26.61 33.92 -28.52
N PRO A 165 26.41 34.60 -29.66
CA PRO A 165 25.10 34.52 -30.32
C PRO A 165 24.71 33.13 -30.78
N ASN A 166 25.68 32.30 -31.17
CA ASN A 166 25.42 30.94 -31.63
C ASN A 166 25.80 29.91 -30.59
N TYR A 167 25.61 30.24 -29.30
CA TYR A 167 26.02 29.36 -28.23
C TYR A 167 25.06 28.19 -28.09
N ILE A 168 25.61 26.98 -28.03
CA ILE A 168 24.84 25.76 -27.78
C ILE A 168 25.36 25.17 -26.47
N PRO A 169 24.47 24.82 -25.53
CA PRO A 169 24.94 24.22 -24.28
C PRO A 169 25.54 22.84 -24.51
N THR A 170 26.59 22.55 -23.74
CA THR A 170 27.25 21.26 -23.79
C THR A 170 26.61 20.33 -22.77
N GLN A 171 27.23 19.16 -22.53
CA GLN A 171 26.73 18.25 -21.52
C GLN A 171 26.85 18.85 -20.12
N GLN A 172 27.96 19.53 -19.84
CA GLN A 172 28.15 20.12 -18.52
C GLN A 172 27.26 21.35 -18.33
N ASP A 173 26.92 22.05 -19.40
CA ASP A 173 26.06 23.21 -19.27
C ASP A 173 24.64 22.79 -18.93
N VAL A 174 24.11 21.78 -19.62
CA VAL A 174 22.80 21.24 -19.27
C VAL A 174 22.84 20.56 -17.92
N LEU A 175 23.97 19.90 -17.61
CA LEU A 175 24.10 19.14 -16.38
C LEU A 175 24.13 20.04 -15.14
N ARG A 176 24.73 21.22 -15.25
CA ARG A 176 24.82 22.16 -14.13
C ARG A 176 23.70 23.20 -14.18
N THR A 177 22.56 22.85 -14.76
CA THR A 177 21.42 23.75 -14.84
C THR A 177 20.56 23.60 -13.59
N ARG A 178 20.36 24.71 -12.89
CA ARG A 178 19.48 24.76 -11.73
C ARG A 178 18.09 25.14 -12.21
N VAL A 179 17.19 24.16 -12.27
CA VAL A 179 15.84 24.36 -12.79
C VAL A 179 14.85 23.85 -11.75
N LYS A 180 13.73 24.55 -11.61
CA LYS A 180 12.70 24.23 -10.64
C LYS A 180 11.56 23.47 -11.30
N THR A 181 11.11 22.41 -10.64
CA THR A 181 10.01 21.58 -11.13
C THR A 181 8.94 21.50 -10.05
N THR A 182 7.77 21.03 -10.43
CA THR A 182 6.63 20.89 -9.51
C THR A 182 6.26 19.44 -9.24
N GLY A 183 6.04 18.65 -10.29
CA GLY A 183 5.64 17.27 -10.11
C GLY A 183 6.80 16.34 -9.85
N ILE A 184 6.46 15.07 -9.61
CA ILE A 184 7.46 14.04 -9.42
C ILE A 184 8.12 13.74 -10.77
N VAL A 185 9.45 13.70 -10.77
CA VAL A 185 10.22 13.42 -11.99
C VAL A 185 10.72 11.98 -11.90
N GLU A 186 10.30 11.16 -12.86
CA GLU A 186 10.67 9.76 -12.92
C GLU A 186 11.27 9.47 -14.29
N THR A 187 12.42 8.79 -14.31
CA THR A 187 13.08 8.42 -15.54
C THR A 187 13.20 6.91 -15.65
N HIS A 188 13.23 6.44 -16.90
CA HIS A 188 13.32 5.03 -17.23
C HIS A 188 14.68 4.77 -17.87
N PHE A 189 15.36 3.71 -17.45
CA PHE A 189 16.52 3.25 -18.19
C PHE A 189 16.72 1.77 -17.91
N THR A 190 17.76 1.20 -18.53
CA THR A 190 18.07 -0.21 -18.37
C THR A 190 19.57 -0.37 -18.15
N PHE A 191 19.93 -1.33 -17.31
CA PHE A 191 21.31 -1.51 -16.90
C PHE A 191 21.46 -2.88 -16.27
N LYS A 192 22.50 -3.62 -16.70
CA LYS A 192 22.81 -4.97 -16.21
C LYS A 192 21.61 -5.90 -16.33
N ASP A 193 20.92 -5.81 -17.47
CA ASP A 193 19.72 -6.60 -17.77
C ASP A 193 18.61 -6.37 -16.75
N LEU A 194 18.56 -5.17 -16.17
CA LEU A 194 17.53 -4.83 -15.20
C LEU A 194 16.98 -3.45 -15.54
N HIS A 195 15.66 -3.31 -15.51
CA HIS A 195 15.01 -2.05 -15.79
C HIS A 195 14.97 -1.21 -14.52
N PHE A 196 15.37 0.05 -14.63
CA PHE A 196 15.43 0.96 -13.49
C PHE A 196 14.43 2.09 -13.71
N LYS A 197 13.56 2.28 -12.74
CA LYS A 197 12.69 3.45 -12.63
C LYS A 197 13.20 4.31 -11.50
N MET A 198 13.48 5.57 -11.78
CA MET A 198 14.00 6.48 -10.75
C MET A 198 13.04 7.62 -10.53
N PHE A 199 12.82 7.97 -9.27
CA PHE A 199 11.83 8.97 -8.90
C PHE A 199 12.48 10.06 -8.07
N ASP A 200 11.90 11.25 -8.12
CA ASP A 200 12.39 12.39 -7.37
C ASP A 200 11.20 13.28 -7.02
N VAL A 201 11.11 13.67 -5.75
CA VAL A 201 10.00 14.47 -5.27
C VAL A 201 10.53 15.77 -4.70
N GLY A 202 11.63 16.27 -5.28
CA GLY A 202 12.25 17.49 -4.78
C GLY A 202 11.40 18.72 -4.93
N GLY A 203 10.65 18.82 -6.02
CA GLY A 203 9.81 19.97 -6.26
C GLY A 203 8.45 19.91 -5.60
N GLN A 204 8.22 18.91 -4.76
CA GLN A 204 6.93 18.67 -4.14
C GLN A 204 6.81 19.56 -2.90
N ARG A 205 6.26 20.75 -3.07
CA ARG A 205 5.98 21.63 -1.95
C ARG A 205 4.69 21.17 -1.28
N SER A 206 4.84 20.28 -0.31
CA SER A 206 3.71 19.66 0.38
C SER A 206 4.21 19.17 1.73
N GLU A 207 3.41 18.33 2.38
CA GLU A 207 3.86 17.62 3.58
C GLU A 207 4.45 16.29 3.17
N ARG A 208 5.67 16.02 3.62
CA ARG A 208 6.34 14.77 3.31
C ARG A 208 5.60 13.57 3.90
N LYS A 209 4.88 13.78 5.01
CA LYS A 209 4.20 12.69 5.69
C LYS A 209 3.07 12.10 4.86
N LYS A 210 2.40 12.91 4.05
CA LYS A 210 1.19 12.48 3.38
C LYS A 210 1.45 11.68 2.11
N TRP A 211 2.68 11.58 1.64
CA TRP A 211 2.97 10.72 0.50
C TRP A 211 4.21 9.85 0.67
N ILE A 212 4.91 9.91 1.80
CA ILE A 212 6.08 9.06 1.99
C ILE A 212 5.69 7.59 2.11
N HIS A 213 4.42 7.30 2.42
CA HIS A 213 3.95 5.93 2.42
C HIS A 213 3.61 5.44 1.03
N CYS A 214 3.63 6.30 0.02
CA CYS A 214 3.38 5.88 -1.35
C CYS A 214 4.59 5.21 -1.98
N PHE A 215 5.77 5.38 -1.39
CA PHE A 215 6.98 4.74 -1.88
C PHE A 215 7.42 3.56 -1.03
N GLU A 216 6.50 2.99 -0.25
CA GLU A 216 6.82 1.79 0.49
C GLU A 216 6.95 0.62 -0.49
N GLY A 217 8.04 -0.12 -0.36
CA GLY A 217 8.31 -1.22 -1.26
C GLY A 217 9.26 -0.93 -2.39
N VAL A 218 9.86 0.26 -2.42
CA VAL A 218 10.89 0.54 -3.42
C VAL A 218 12.13 -0.28 -3.13
N THR A 219 12.90 -0.55 -4.18
CA THR A 219 14.11 -1.35 -4.02
C THR A 219 15.18 -0.58 -3.25
N ALA A 220 15.39 0.70 -3.56
CA ALA A 220 16.45 1.44 -2.91
C ALA A 220 16.05 2.90 -2.74
N ILE A 221 16.65 3.53 -1.73
CA ILE A 221 16.53 4.96 -1.50
C ILE A 221 17.91 5.57 -1.58
N ILE A 222 18.14 6.41 -2.58
CA ILE A 222 19.39 7.13 -2.72
C ILE A 222 19.20 8.51 -2.08
N PHE A 223 19.86 8.71 -0.96
CA PHE A 223 19.75 9.94 -0.19
C PHE A 223 20.95 10.82 -0.53
N CYS A 224 20.70 11.89 -1.27
CA CYS A 224 21.75 12.79 -1.72
C CYS A 224 21.96 13.88 -0.68
N VAL A 225 23.13 13.90 -0.05
CA VAL A 225 23.50 14.90 0.94
C VAL A 225 24.68 15.68 0.41
N ALA A 226 24.53 16.99 0.27
CA ALA A 226 25.61 17.85 -0.20
C ALA A 226 26.57 18.13 0.94
N LEU A 227 27.85 17.81 0.74
CA LEU A 227 28.85 18.03 1.78
C LEU A 227 29.19 19.49 1.97
N SER A 228 28.97 20.33 0.96
CA SER A 228 29.37 21.73 1.00
C SER A 228 28.41 22.60 1.80
N ASP A 229 27.41 22.02 2.44
CA ASP A 229 26.41 22.77 3.19
C ASP A 229 26.75 22.91 4.67
N TYR A 230 27.93 22.45 5.09
CA TYR A 230 28.31 22.55 6.49
C TYR A 230 28.58 23.99 6.89
N ASP A 231 29.18 24.78 6.00
CA ASP A 231 29.51 26.17 6.28
C ASP A 231 28.40 27.13 5.90
N LEU A 232 27.36 26.66 5.21
CA LEU A 232 26.26 27.51 4.84
C LEU A 232 25.36 27.78 6.05
N VAL A 233 24.49 28.76 5.91
CA VAL A 233 23.52 29.12 6.94
C VAL A 233 22.14 29.19 6.32
N LEU A 234 21.13 29.09 7.16
CA LEU A 234 19.75 29.24 6.75
C LEU A 234 19.24 30.62 7.15
N ALA A 235 18.69 31.35 6.19
CA ALA A 235 18.23 32.72 6.43
C ALA A 235 16.77 32.75 6.88
N GLU A 236 16.47 32.01 7.93
CA GLU A 236 15.14 32.02 8.54
C GLU A 236 15.17 32.32 10.03
N ASP A 237 16.18 31.83 10.75
CA ASP A 237 16.33 32.09 12.17
C ASP A 237 17.75 32.44 12.57
N GLU A 238 18.74 32.28 11.68
CA GLU A 238 20.16 32.48 11.97
C GLU A 238 20.65 31.60 13.12
N GLU A 239 20.04 30.41 13.28
CA GLU A 239 20.44 29.48 14.30
C GLU A 239 20.40 28.02 13.85
N MET A 240 20.09 27.76 12.59
CA MET A 240 20.00 26.40 12.07
C MET A 240 20.92 26.24 10.87
N ASN A 241 21.50 25.06 10.74
CA ASN A 241 22.44 24.75 9.68
C ASN A 241 21.80 23.79 8.69
N ARG A 242 22.17 23.94 7.41
CA ARG A 242 21.65 23.06 6.37
C ARG A 242 22.11 21.63 6.56
N MET A 243 23.33 21.42 7.05
CA MET A 243 23.81 20.07 7.29
C MET A 243 23.01 19.39 8.39
N HIS A 244 22.66 20.13 9.45
CA HIS A 244 21.86 19.54 10.52
C HIS A 244 20.44 19.24 10.06
N GLU A 245 19.89 20.08 9.18
CA GLU A 245 18.56 19.81 8.62
C GLU A 245 18.59 18.57 7.74
N SER A 246 19.64 18.42 6.93
CA SER A 246 19.79 17.20 6.13
C SER A 246 20.00 15.99 7.03
N MET A 247 20.71 16.16 8.15
CA MET A 247 20.92 15.08 9.10
C MET A 247 19.62 14.62 9.74
N LYS A 248 18.77 15.56 10.15
CA LYS A 248 17.51 15.15 10.76
C LYS A 248 16.54 14.60 9.72
N LEU A 249 16.62 15.09 8.47
CA LEU A 249 15.83 14.49 7.41
C LEU A 249 16.25 13.05 7.14
N PHE A 250 17.56 12.78 7.16
CA PHE A 250 18.04 11.41 7.03
C PHE A 250 17.64 10.57 8.22
N ASP A 251 17.62 11.15 9.41
CA ASP A 251 17.17 10.43 10.60
C ASP A 251 15.70 10.03 10.46
N SER A 252 14.89 10.90 9.85
CA SER A 252 13.49 10.57 9.62
C SER A 252 13.33 9.49 8.56
N ILE A 253 14.03 9.62 7.43
CA ILE A 253 13.84 8.69 6.31
C ILE A 253 14.41 7.31 6.65
N CYS A 254 15.61 7.28 7.23
CA CYS A 254 16.28 6.00 7.48
C CYS A 254 15.57 5.19 8.56
N ASN A 255 15.00 5.86 9.56
CA ASN A 255 14.27 5.20 10.62
C ASN A 255 12.75 5.28 10.42
N ASN A 256 12.31 5.29 9.17
CA ASN A 256 10.89 5.34 8.86
C ASN A 256 10.31 3.94 8.84
N LYS A 257 9.04 3.83 9.24
CA LYS A 257 8.39 2.52 9.30
C LYS A 257 8.06 1.97 7.92
N TRP A 258 8.07 2.81 6.88
CA TRP A 258 7.80 2.34 5.52
C TRP A 258 9.04 1.77 4.84
N PHE A 259 10.22 2.00 5.38
CA PHE A 259 11.45 1.59 4.71
C PHE A 259 12.23 0.61 5.58
N THR A 260 11.51 -0.38 6.13
CA THR A 260 12.15 -1.42 6.91
C THR A 260 13.03 -2.31 6.05
N ASP A 261 12.59 -2.60 4.82
CA ASP A 261 13.34 -3.48 3.93
C ASP A 261 13.75 -2.76 2.66
N THR A 262 14.29 -1.56 2.79
CA THR A 262 14.79 -0.78 1.67
C THR A 262 16.28 -0.53 1.85
N SER A 263 17.03 -0.65 0.76
CA SER A 263 18.47 -0.40 0.79
C SER A 263 18.72 1.10 0.78
N ILE A 264 19.33 1.62 1.84
CA ILE A 264 19.62 3.04 1.94
C ILE A 264 21.03 3.29 1.44
N ILE A 265 21.13 4.06 0.36
CA ILE A 265 22.40 4.38 -0.25
C ILE A 265 22.60 5.88 -0.11
N LEU A 266 23.59 6.29 0.66
CA LEU A 266 23.91 7.69 0.87
C LEU A 266 24.89 8.15 -0.20
N PHE A 267 24.54 9.26 -0.85
CA PHE A 267 25.37 9.90 -1.87
C PHE A 267 25.87 11.20 -1.27
N LEU A 268 27.11 11.21 -0.79
CA LEU A 268 27.73 12.42 -0.25
C LEU A 268 28.22 13.25 -1.43
N ASN A 269 27.29 14.03 -1.99
CA ASN A 269 27.49 14.78 -3.21
C ASN A 269 28.35 16.01 -2.96
N LYS A 270 28.81 16.60 -4.06
CA LYS A 270 29.60 17.84 -4.08
C LYS A 270 30.86 17.73 -3.22
N LYS A 271 31.58 16.61 -3.36
CA LYS A 271 32.86 16.47 -2.67
C LYS A 271 33.94 17.33 -3.30
N ASP A 272 33.79 17.69 -4.59
CA ASP A 272 34.81 18.52 -5.23
C ASP A 272 34.78 19.94 -4.71
N LEU A 273 33.61 20.42 -4.29
CA LEU A 273 33.55 21.69 -3.57
C LEU A 273 33.98 21.55 -2.13
N PHE A 274 33.75 20.38 -1.53
CA PHE A 274 34.16 20.16 -0.15
C PHE A 274 35.67 20.16 -0.01
N GLU A 275 36.38 19.63 -1.02
CA GLU A 275 37.84 19.65 -1.00
C GLU A 275 38.38 21.07 -0.99
N GLU A 276 37.81 21.95 -1.82
CA GLU A 276 38.27 23.32 -1.91
C GLU A 276 37.70 24.21 -0.80
N LYS A 277 36.68 23.75 -0.08
CA LYS A 277 36.12 24.52 1.02
C LYS A 277 36.66 24.10 2.38
N ILE A 278 37.19 22.89 2.52
CA ILE A 278 37.69 22.43 3.81
C ILE A 278 39.03 23.05 4.17
N LYS A 279 39.79 23.55 3.18
CA LYS A 279 41.07 24.17 3.48
C LYS A 279 40.89 25.51 4.19
N LYS A 280 39.82 26.22 3.88
CA LYS A 280 39.60 27.57 4.38
C LYS A 280 38.54 27.64 5.48
N SER A 281 37.37 27.06 5.24
CA SER A 281 36.30 27.05 6.24
C SER A 281 36.42 25.79 7.09
N PRO A 282 36.57 25.91 8.42
CA PRO A 282 36.69 24.72 9.25
C PRO A 282 35.35 23.99 9.38
N LEU A 283 35.44 22.70 9.68
CA LEU A 283 34.26 21.89 9.92
C LEU A 283 33.60 22.21 11.26
N THR A 284 34.29 22.95 12.12
CA THR A 284 33.74 23.31 13.43
C THR A 284 32.58 24.29 13.34
N ILE A 285 32.33 24.89 12.16
CA ILE A 285 31.16 25.74 11.98
C ILE A 285 29.88 24.93 12.11
N CYS A 286 29.84 23.75 11.49
CA CYS A 286 28.66 22.89 11.61
C CYS A 286 28.66 22.14 12.93
N TYR A 287 29.69 21.35 13.17
CA TYR A 287 29.77 20.55 14.39
C TYR A 287 30.71 21.24 15.38
N PRO A 288 30.21 21.80 16.48
CA PRO A 288 31.11 22.44 17.45
C PRO A 288 31.96 21.45 18.23
N GLU A 289 31.61 20.17 18.21
CA GLU A 289 32.32 19.16 18.97
C GLU A 289 33.40 18.45 18.16
N TYR A 290 33.68 18.93 16.94
CA TYR A 290 34.72 18.31 16.13
C TYR A 290 36.10 18.63 16.69
N ALA A 291 36.94 17.60 16.82
CA ALA A 291 38.28 17.74 17.35
C ALA A 291 39.37 17.36 16.37
N GLY A 292 39.03 16.81 15.22
CA GLY A 292 40.02 16.41 14.24
C GLY A 292 40.56 17.60 13.47
N SER A 293 41.53 17.30 12.61
CA SER A 293 42.17 18.33 11.81
C SER A 293 41.22 18.82 10.72
N ASN A 294 41.57 19.96 10.13
CA ASN A 294 40.79 20.56 9.05
C ASN A 294 41.23 20.04 7.68
N THR A 295 41.27 18.72 7.54
CA THR A 295 41.64 18.08 6.29
C THR A 295 40.41 17.45 5.65
N TYR A 296 40.51 17.20 4.34
CA TYR A 296 39.35 16.70 3.60
C TYR A 296 38.98 15.29 4.01
N GLU A 297 39.97 14.41 4.15
CA GLU A 297 39.69 13.00 4.42
C GLU A 297 39.04 12.81 5.78
N GLU A 298 39.60 13.44 6.81
CA GLU A 298 39.04 13.31 8.15
C GLU A 298 37.65 13.94 8.24
N ALA A 299 37.44 15.06 7.54
CA ALA A 299 36.14 15.71 7.59
C ALA A 299 35.06 14.90 6.87
N ALA A 300 35.40 14.35 5.71
CA ALA A 300 34.46 13.49 4.99
C ALA A 300 34.15 12.23 5.79
N ALA A 301 35.17 11.65 6.43
CA ALA A 301 34.94 10.49 7.29
C ALA A 301 34.08 10.85 8.49
N TYR A 302 34.26 12.06 9.05
CA TYR A 302 33.45 12.47 10.18
C TYR A 302 31.99 12.68 9.80
N ILE A 303 31.75 13.28 8.64
CA ILE A 303 30.36 13.47 8.19
C ILE A 303 29.71 12.13 7.91
N GLN A 304 30.45 11.20 7.29
CA GLN A 304 29.94 9.85 7.08
C GLN A 304 29.63 9.16 8.41
N CYS A 305 30.49 9.33 9.40
CA CYS A 305 30.27 8.71 10.70
C CYS A 305 29.05 9.28 11.40
N GLN A 306 28.85 10.60 11.32
CA GLN A 306 27.67 11.22 11.93
C GLN A 306 26.38 10.75 11.25
N PHE A 307 26.40 10.66 9.91
CA PHE A 307 25.22 10.21 9.19
C PHE A 307 24.92 8.74 9.45
N GLU A 308 25.96 7.92 9.59
CA GLU A 308 25.73 6.52 9.95
C GLU A 308 25.26 6.38 11.39
N ASP A 309 25.68 7.28 12.28
CA ASP A 309 25.23 7.26 13.66
C ASP A 309 23.81 7.78 13.83
N LEU A 310 23.30 8.51 12.83
CA LEU A 310 21.88 8.86 12.85
C LEU A 310 20.98 7.64 12.74
N ASN A 311 21.49 6.53 12.22
CA ASN A 311 20.73 5.30 12.11
C ASN A 311 20.44 4.69 13.48
N LYS A 312 19.31 3.99 13.56
CA LYS A 312 18.94 3.26 14.77
C LYS A 312 18.75 1.77 14.52
N ARG A 313 19.09 1.29 13.33
CA ARG A 313 18.96 -0.12 12.96
C ARG A 313 20.24 -0.62 12.31
N LYS A 314 21.38 -0.29 12.93
CA LYS A 314 22.67 -0.67 12.38
C LYS A 314 22.89 -2.19 12.40
N ASP A 315 22.26 -2.87 13.35
CA ASP A 315 22.41 -4.32 13.48
C ASP A 315 21.51 -5.10 12.53
N THR A 316 20.62 -4.44 11.80
CA THR A 316 19.72 -5.09 10.87
C THR A 316 19.92 -4.63 9.44
N LYS A 317 20.02 -3.32 9.22
CA LYS A 317 20.17 -2.74 7.88
C LYS A 317 21.46 -1.94 7.83
N GLU A 318 22.14 -2.01 6.70
CA GLU A 318 23.41 -1.32 6.49
C GLU A 318 23.24 -0.19 5.49
N ILE A 319 23.80 0.97 5.80
CA ILE A 319 23.75 2.12 4.91
C ILE A 319 24.99 2.11 4.04
N TYR A 320 24.79 2.18 2.73
CA TYR A 320 25.90 2.13 1.78
C TYR A 320 26.28 3.55 1.38
N THR A 321 27.42 4.02 1.87
CA THR A 321 27.85 5.39 1.68
C THR A 321 28.83 5.48 0.52
N HIS A 322 28.63 6.47 -0.35
CA HIS A 322 29.56 6.73 -1.44
C HIS A 322 29.69 8.23 -1.66
N PHE A 323 30.91 8.68 -1.89
CA PHE A 323 31.18 10.09 -2.19
C PHE A 323 31.01 10.31 -3.68
N THR A 324 30.25 11.34 -4.06
CA THR A 324 29.96 11.61 -5.46
C THR A 324 30.24 13.05 -5.81
N CYS A 325 30.60 13.26 -7.07
CA CYS A 325 30.61 14.57 -7.71
C CYS A 325 29.65 14.46 -8.89
N ALA A 326 28.45 15.01 -8.73
CA ALA A 326 27.34 14.69 -9.63
C ALA A 326 27.51 15.25 -11.02
N THR A 327 28.39 16.23 -11.24
CA THR A 327 28.65 16.72 -12.57
C THR A 327 29.71 15.91 -13.31
N ASP A 328 30.38 14.99 -12.62
CA ASP A 328 31.37 14.12 -13.24
C ASP A 328 30.67 12.85 -13.68
N THR A 329 30.64 12.61 -15.00
CA THR A 329 29.97 11.44 -15.53
C THR A 329 30.68 10.16 -15.13
N LYS A 330 32.01 10.19 -15.06
CA LYS A 330 32.77 8.97 -14.74
C LYS A 330 32.60 8.57 -13.28
N ASN A 331 32.65 9.54 -12.36
CA ASN A 331 32.48 9.23 -10.95
C ASN A 331 31.06 8.74 -10.66
N VAL A 332 30.07 9.39 -11.25
CA VAL A 332 28.68 8.95 -11.09
C VAL A 332 28.49 7.57 -11.67
N GLN A 333 29.12 7.30 -12.82
CA GLN A 333 29.06 5.97 -13.43
C GLN A 333 29.65 4.90 -12.54
N PHE A 334 30.81 5.17 -11.95
CA PHE A 334 31.48 4.20 -11.08
C PHE A 334 30.67 3.96 -9.81
N VAL A 335 30.14 5.03 -9.19
CA VAL A 335 29.35 4.88 -7.98
C VAL A 335 28.05 4.14 -8.28
N PHE A 336 27.44 4.42 -9.43
CA PHE A 336 26.22 3.71 -9.81
C PHE A 336 26.48 2.25 -10.11
N ASP A 337 27.66 1.92 -10.67
CA ASP A 337 28.02 0.52 -10.85
C ASP A 337 28.13 -0.19 -9.51
N ALA A 338 28.76 0.47 -8.54
CA ALA A 338 28.85 -0.10 -7.20
C ALA A 338 27.47 -0.29 -6.58
N VAL A 339 26.59 0.70 -6.78
CA VAL A 339 25.23 0.65 -6.23
C VAL A 339 24.44 -0.50 -6.84
N THR A 340 24.52 -0.64 -8.17
CA THR A 340 23.81 -1.72 -8.86
C THR A 340 24.34 -3.08 -8.46
N ASP A 341 25.66 -3.20 -8.26
CA ASP A 341 26.21 -4.48 -7.81
C ASP A 341 25.76 -4.82 -6.39
N VAL A 342 25.69 -3.83 -5.51
CA VAL A 342 25.17 -4.06 -4.16
C VAL A 342 23.71 -4.49 -4.22
N ILE A 343 22.92 -3.84 -5.08
CA ILE A 343 21.51 -4.19 -5.21
C ILE A 343 21.35 -5.62 -5.72
N ILE A 344 22.15 -6.00 -6.72
CA ILE A 344 22.08 -7.34 -7.30
C ILE A 344 22.48 -8.39 -6.28
N LYS A 345 23.55 -8.14 -5.52
CA LYS A 345 23.97 -9.13 -4.52
C LYS A 345 22.99 -9.18 -3.35
N ASN A 346 22.30 -8.07 -3.05
CA ASN A 346 21.27 -8.11 -2.02
C ASN A 346 20.03 -8.82 -2.53
N ASN A 347 19.79 -8.81 -3.84
CA ASN A 347 18.70 -9.57 -4.42
C ASN A 347 19.01 -11.06 -4.46
N LEU A 348 20.28 -11.41 -4.68
CA LEU A 348 20.68 -12.80 -4.51
C LEU A 348 20.58 -13.23 -3.05
N LYS A 349 20.87 -12.31 -2.13
CA LYS A 349 20.66 -12.61 -0.71
C LYS A 349 19.18 -12.74 -0.40
N ASP A 350 18.32 -12.05 -1.14
CA ASP A 350 16.88 -12.23 -1.01
C ASP A 350 16.44 -13.60 -1.51
N CYS A 351 17.17 -14.17 -2.47
CA CYS A 351 16.86 -15.50 -2.97
C CYS A 351 17.24 -16.53 -1.90
N GLY A 352 16.31 -17.41 -1.58
CA GLY A 352 16.53 -18.42 -0.55
C GLY A 352 15.63 -19.60 -0.77
N LEU A 353 15.78 -20.59 0.11
CA LEU A 353 14.99 -21.82 0.05
C LEU A 353 14.39 -22.11 1.42
N PHE A 354 13.13 -22.54 1.42
CA PHE A 354 12.46 -22.91 2.65
C PHE A 354 11.41 -23.99 2.38
N LEU B 25 -0.48 46.55 12.23
CA LEU B 25 0.65 45.68 11.94
C LEU B 25 0.56 44.43 12.83
N ASP B 26 0.91 44.60 14.10
CA ASP B 26 0.80 43.53 15.09
C ASP B 26 -0.51 43.56 15.84
N GLN B 27 -1.37 44.54 15.55
CA GLN B 27 -2.68 44.63 16.17
C GLN B 27 -3.77 43.96 15.34
N LEU B 28 -3.41 43.29 14.25
CA LEU B 28 -4.39 42.52 13.50
C LEU B 28 -4.72 41.20 14.18
N ARG B 29 -3.76 40.59 14.86
CA ARG B 29 -4.02 39.34 15.54
C ARG B 29 -4.90 39.53 16.77
N GLN B 30 -4.77 40.66 17.47
CA GLN B 30 -5.54 40.87 18.69
C GLN B 30 -7.02 41.15 18.39
N GLU B 31 -7.36 41.49 17.15
CA GLU B 31 -8.76 41.57 16.75
C GLU B 31 -9.20 40.38 15.92
N ALA B 32 -8.28 39.67 15.27
CA ALA B 32 -8.62 38.38 14.69
C ALA B 32 -9.02 37.38 15.77
N GLU B 33 -8.35 37.43 16.92
CA GLU B 33 -8.73 36.55 18.02
C GLU B 33 -10.09 36.93 18.60
N GLN B 34 -10.45 38.23 18.62
CA GLN B 34 -11.77 38.58 19.10
C GLN B 34 -12.85 38.26 18.08
N LEU B 35 -12.51 38.28 16.77
CA LEU B 35 -13.43 37.75 15.77
C LEU B 35 -13.64 36.25 15.96
N LYS B 36 -12.57 35.52 16.28
CA LYS B 36 -12.70 34.09 16.59
C LYS B 36 -13.57 33.88 17.82
N ASN B 37 -13.41 34.72 18.84
CA ASN B 37 -14.24 34.61 20.04
C ASN B 37 -15.70 34.94 19.73
N GLN B 38 -15.93 35.92 18.85
CA GLN B 38 -17.29 36.23 18.42
C GLN B 38 -17.92 35.05 17.70
N ILE B 39 -17.15 34.38 16.83
CA ILE B 39 -17.64 33.19 16.16
C ILE B 39 -17.95 32.09 17.18
N ARG B 40 -17.06 31.89 18.15
CA ARG B 40 -17.22 30.76 19.06
C ARG B 40 -18.38 30.97 20.04
N ASP B 41 -18.61 32.20 20.50
CA ASP B 41 -19.75 32.38 21.39
C ASP B 41 -21.06 32.64 20.64
N ALA B 42 -20.99 32.97 19.34
CA ALA B 42 -22.18 32.89 18.52
C ALA B 42 -22.60 31.44 18.31
N ARG B 43 -21.61 30.54 18.13
CA ARG B 43 -21.93 29.12 18.02
C ARG B 43 -22.45 28.56 19.33
N LYS B 44 -21.81 28.92 20.46
CA LYS B 44 -22.29 28.45 21.75
C LYS B 44 -23.61 29.08 22.15
N ALA B 45 -23.96 30.24 21.59
CA ALA B 45 -25.25 30.85 21.89
C ALA B 45 -26.41 30.02 21.35
N CYS B 46 -26.25 29.44 20.16
CA CYS B 46 -27.30 28.64 19.54
C CYS B 46 -27.07 27.14 19.73
N ALA B 47 -26.47 26.74 20.85
CA ALA B 47 -26.18 25.34 21.13
C ALA B 47 -26.94 24.87 22.37
N ASP B 48 -28.22 25.22 22.46
CA ASP B 48 -29.02 24.90 23.64
C ASP B 48 -29.33 23.41 23.77
N ALA B 49 -29.16 22.65 22.70
CA ALA B 49 -29.39 21.20 22.75
C ALA B 49 -28.23 20.53 22.01
N THR B 50 -28.32 19.21 21.87
CA THR B 50 -27.32 18.45 21.12
C THR B 50 -28.01 17.27 20.47
N LEU B 51 -27.34 16.68 19.47
CA LEU B 51 -27.94 15.60 18.70
C LEU B 51 -28.13 14.35 19.56
N SER B 52 -27.19 14.06 20.46
CA SER B 52 -27.29 12.85 21.26
C SER B 52 -28.39 12.94 22.31
N GLN B 53 -28.72 14.14 22.76
CA GLN B 53 -29.74 14.28 23.81
C GLN B 53 -31.14 14.08 23.25
N ILE B 54 -31.41 14.53 22.03
CA ILE B 54 -32.76 14.43 21.49
C ILE B 54 -33.03 13.11 20.78
N THR B 55 -31.98 12.32 20.50
CA THR B 55 -32.15 11.01 19.88
C THR B 55 -32.12 9.89 20.91
N ASN B 56 -32.52 10.18 22.16
CA ASN B 56 -32.63 9.15 23.16
C ASN B 56 -33.92 8.34 23.06
N ASN B 57 -34.85 8.78 22.20
CA ASN B 57 -36.12 8.09 22.03
C ASN B 57 -36.25 7.32 20.73
N ILE B 58 -35.42 7.64 19.73
CA ILE B 58 -35.45 6.89 18.48
C ILE B 58 -34.87 5.50 18.71
N ASP B 59 -35.46 4.50 18.05
CA ASP B 59 -35.07 3.12 18.27
C ASP B 59 -33.67 2.87 17.72
N PRO B 60 -32.85 2.08 18.43
CA PRO B 60 -31.52 1.76 17.91
C PRO B 60 -31.60 0.84 16.71
N VAL B 61 -30.55 0.90 15.87
CA VAL B 61 -30.49 0.08 14.67
C VAL B 61 -30.05 -1.35 14.94
N GLY B 62 -29.70 -1.68 16.17
CA GLY B 62 -29.29 -3.05 16.47
C GLY B 62 -27.90 -3.34 15.94
N ARG B 63 -27.71 -4.56 15.46
CA ARG B 63 -26.47 -4.96 14.80
C ARG B 63 -26.75 -5.09 13.31
N ILE B 64 -25.99 -4.37 12.50
CA ILE B 64 -26.15 -4.34 11.06
C ILE B 64 -24.92 -5.02 10.46
N GLN B 65 -25.02 -6.31 10.20
CA GLN B 65 -23.93 -7.04 9.55
C GLN B 65 -24.19 -7.12 8.06
N MET B 66 -23.12 -7.06 7.29
CA MET B 66 -23.20 -7.09 5.83
C MET B 66 -22.15 -8.06 5.31
N ARG B 67 -22.55 -8.88 4.35
CA ARG B 67 -21.68 -9.91 3.83
C ARG B 67 -21.09 -9.47 2.49
N THR B 68 -19.87 -9.95 2.22
CA THR B 68 -19.18 -9.59 0.98
C THR B 68 -19.82 -10.34 -0.17
N ARG B 69 -20.70 -9.66 -0.89
CA ARG B 69 -21.40 -10.30 -2.00
C ARG B 69 -20.49 -10.45 -3.21
N ARG B 70 -19.63 -9.48 -3.47
CA ARG B 70 -18.71 -9.52 -4.58
C ARG B 70 -17.32 -9.11 -4.10
N THR B 71 -16.30 -9.76 -4.63
CA THR B 71 -14.91 -9.41 -4.34
C THR B 71 -14.24 -9.11 -5.67
N LEU B 72 -14.14 -7.82 -5.98
CA LEU B 72 -13.52 -7.37 -7.22
C LEU B 72 -12.01 -7.56 -7.12
N ARG B 73 -11.49 -8.55 -7.85
CA ARG B 73 -10.08 -8.90 -7.80
C ARG B 73 -9.44 -8.62 -9.15
N GLY B 74 -8.18 -8.23 -9.12
CA GLY B 74 -7.48 -7.94 -10.35
C GLY B 74 -6.46 -6.82 -10.25
N HIS B 75 -6.41 -6.11 -9.13
CA HIS B 75 -5.33 -5.15 -8.97
C HIS B 75 -4.07 -5.84 -8.45
N LEU B 76 -2.93 -5.16 -8.63
CA LEU B 76 -1.63 -5.72 -8.26
C LEU B 76 -0.83 -4.77 -7.38
N ALA B 77 -1.49 -3.80 -6.75
CA ALA B 77 -0.84 -2.86 -5.85
C ALA B 77 -1.91 -2.30 -4.92
N LYS B 78 -1.52 -1.36 -4.07
CA LYS B 78 -2.44 -0.76 -3.13
C LYS B 78 -3.45 0.13 -3.85
N ILE B 79 -4.74 -0.18 -3.73
CA ILE B 79 -5.77 0.69 -4.26
C ILE B 79 -5.87 1.92 -3.40
N TYR B 80 -5.92 3.10 -4.02
CA TYR B 80 -5.92 4.34 -3.26
C TYR B 80 -7.25 5.07 -3.26
N ALA B 81 -8.01 5.03 -4.35
CA ALA B 81 -9.30 5.68 -4.37
C ALA B 81 -10.22 4.97 -5.35
N MET B 82 -11.51 4.97 -5.03
CA MET B 82 -12.51 4.46 -5.95
C MET B 82 -13.71 5.38 -5.92
N HIS B 83 -14.48 5.36 -7.01
CA HIS B 83 -15.70 6.13 -7.10
C HIS B 83 -16.76 5.32 -7.82
N TRP B 84 -17.99 5.41 -7.34
CA TRP B 84 -19.13 4.71 -7.93
C TRP B 84 -19.62 5.48 -9.15
N GLY B 85 -20.76 5.06 -9.69
CA GLY B 85 -21.39 5.76 -10.78
C GLY B 85 -22.83 6.11 -10.41
N THR B 86 -23.42 6.99 -11.22
CA THR B 86 -24.82 7.33 -11.01
C THR B 86 -25.74 6.16 -11.35
N ASP B 87 -25.34 5.32 -12.30
CA ASP B 87 -26.08 4.10 -12.61
C ASP B 87 -25.92 3.04 -11.54
N SER B 88 -25.02 3.24 -10.57
CA SER B 88 -24.85 2.41 -9.39
C SER B 88 -24.42 0.99 -9.72
N ARG B 89 -23.92 0.76 -10.93
CA ARG B 89 -23.48 -0.55 -11.37
C ARG B 89 -21.99 -0.56 -11.70
N LEU B 90 -21.51 0.40 -12.48
CA LEU B 90 -20.09 0.50 -12.78
C LEU B 90 -19.39 1.31 -11.71
N LEU B 91 -18.07 1.18 -11.67
CA LEU B 91 -17.24 1.96 -10.77
C LEU B 91 -15.84 2.05 -11.37
N VAL B 92 -15.04 2.94 -10.80
CA VAL B 92 -13.65 3.11 -11.20
C VAL B 92 -12.79 2.97 -9.94
N SER B 93 -11.63 2.35 -10.08
CA SER B 93 -10.69 2.25 -8.98
C SER B 93 -9.28 2.48 -9.51
N ALA B 94 -8.51 3.30 -8.80
CA ALA B 94 -7.14 3.63 -9.16
C ALA B 94 -6.18 2.99 -8.16
N SER B 95 -5.12 2.38 -8.69
CA SER B 95 -4.16 1.73 -7.81
C SER B 95 -2.76 2.26 -8.07
N GLN B 96 -1.85 1.89 -7.16
CA GLN B 96 -0.45 2.29 -7.25
C GLN B 96 0.23 1.74 -8.50
N ASP B 97 -0.30 0.68 -9.08
CA ASP B 97 0.30 0.07 -10.26
C ASP B 97 0.01 0.84 -11.56
N GLY B 98 -0.46 2.07 -11.45
CA GLY B 98 -0.75 2.87 -12.63
C GLY B 98 -1.92 2.37 -13.44
N LYS B 99 -2.96 1.88 -12.78
CA LYS B 99 -4.13 1.35 -13.45
C LYS B 99 -5.39 1.99 -12.90
N LEU B 100 -6.23 2.49 -13.83
CA LEU B 100 -7.61 2.87 -13.55
C LEU B 100 -8.48 1.76 -14.11
N ILE B 101 -9.01 0.90 -13.25
CA ILE B 101 -9.89 -0.16 -13.71
C ILE B 101 -11.32 0.32 -13.55
N ILE B 102 -12.05 0.35 -14.66
CA ILE B 102 -13.48 0.60 -14.67
C ILE B 102 -14.16 -0.76 -14.71
N TRP B 103 -14.83 -1.10 -13.61
CA TRP B 103 -15.38 -2.42 -13.39
C TRP B 103 -16.84 -2.49 -13.84
N ASP B 104 -17.47 -3.62 -13.52
CA ASP B 104 -18.91 -3.82 -13.68
C ASP B 104 -19.31 -4.68 -12.47
N SER B 105 -19.72 -4.03 -11.39
CA SER B 105 -19.83 -4.68 -10.10
C SER B 105 -20.96 -5.70 -10.03
N TYR B 106 -21.89 -5.69 -11.00
CA TYR B 106 -22.94 -6.70 -11.01
C TYR B 106 -22.38 -8.07 -11.34
N THR B 107 -21.57 -8.17 -12.39
CA THR B 107 -21.04 -9.43 -12.85
C THR B 107 -19.57 -9.64 -12.53
N THR B 108 -18.95 -8.71 -11.80
CA THR B 108 -17.52 -8.70 -11.48
C THR B 108 -16.69 -8.80 -12.75
N ASN B 109 -16.84 -7.80 -13.61
CA ASN B 109 -16.14 -7.74 -14.88
C ASN B 109 -15.17 -6.56 -14.86
N LYS B 110 -14.37 -6.47 -15.92
CA LYS B 110 -13.43 -5.38 -16.10
C LYS B 110 -13.72 -4.75 -17.46
N VAL B 111 -14.53 -3.70 -17.45
CA VAL B 111 -14.87 -3.01 -18.69
C VAL B 111 -13.65 -2.32 -19.27
N HIS B 112 -12.90 -1.59 -18.45
CA HIS B 112 -11.75 -0.83 -18.94
C HIS B 112 -10.59 -0.95 -17.98
N ALA B 113 -9.37 -0.85 -18.53
CA ALA B 113 -8.15 -0.81 -17.74
C ALA B 113 -7.26 0.26 -18.35
N ILE B 114 -7.41 1.49 -17.87
CA ILE B 114 -6.69 2.63 -18.41
C ILE B 114 -5.29 2.67 -17.81
N PRO B 115 -4.25 2.65 -18.65
CA PRO B 115 -2.89 2.89 -18.16
C PRO B 115 -2.63 4.37 -18.00
N LEU B 116 -1.90 4.72 -16.95
CA LEU B 116 -1.61 6.11 -16.66
C LEU B 116 -0.20 6.45 -17.11
N ARG B 117 -0.01 7.72 -17.50
CA ARG B 117 1.33 8.21 -17.80
C ARG B 117 2.18 8.27 -16.55
N SER B 118 1.56 8.50 -15.40
CA SER B 118 2.24 8.48 -14.10
C SER B 118 1.52 7.50 -13.21
N SER B 119 2.25 6.52 -12.67
CA SER B 119 1.66 5.53 -11.79
C SER B 119 1.33 6.10 -10.42
N TRP B 120 1.77 7.31 -10.11
CA TRP B 120 1.52 7.94 -8.82
C TRP B 120 0.16 8.62 -8.88
N VAL B 121 -0.88 7.87 -8.53
CA VAL B 121 -2.25 8.37 -8.52
C VAL B 121 -2.81 8.21 -7.10
N MET B 122 -3.39 9.28 -6.58
CA MET B 122 -3.99 9.28 -5.25
C MET B 122 -5.50 9.49 -5.25
N THR B 123 -6.11 9.81 -6.40
CA THR B 123 -7.54 10.03 -6.43
C THR B 123 -8.08 9.75 -7.83
N CYS B 124 -9.33 9.30 -7.86
CA CYS B 124 -10.03 8.99 -9.10
C CYS B 124 -11.50 9.35 -8.95
N ALA B 125 -12.17 9.56 -10.08
CA ALA B 125 -13.54 10.04 -10.12
C ALA B 125 -14.23 9.55 -11.37
N TYR B 126 -15.53 9.24 -11.22
CA TYR B 126 -16.40 8.88 -12.32
C TYR B 126 -17.40 10.02 -12.53
N ALA B 127 -17.58 10.44 -13.78
CA ALA B 127 -18.47 11.54 -14.07
C ALA B 127 -19.92 11.14 -13.82
N PRO B 128 -20.76 12.07 -13.37
CA PRO B 128 -22.18 11.74 -13.19
C PRO B 128 -22.90 11.42 -14.48
N SER B 129 -22.40 11.90 -15.63
CA SER B 129 -22.96 11.44 -16.89
C SER B 129 -22.48 10.03 -17.22
N GLY B 130 -21.31 9.66 -16.74
CA GLY B 130 -20.74 8.35 -17.02
C GLY B 130 -19.85 8.29 -18.25
N ASN B 131 -19.50 9.43 -18.83
CA ASN B 131 -18.70 9.47 -20.05
C ASN B 131 -17.26 9.90 -19.82
N TYR B 132 -16.86 10.20 -18.59
CA TYR B 132 -15.53 10.70 -18.32
C TYR B 132 -15.04 10.15 -16.99
N VAL B 133 -13.72 9.96 -16.90
CA VAL B 133 -13.08 9.50 -15.67
C VAL B 133 -11.88 10.39 -15.39
N ALA B 134 -11.80 10.92 -14.18
CA ALA B 134 -10.67 11.73 -13.77
C ALA B 134 -9.74 10.94 -12.87
N CYS B 135 -8.45 11.18 -13.00
CA CYS B 135 -7.47 10.64 -12.07
C CYS B 135 -6.42 11.68 -11.80
N GLY B 136 -5.70 11.51 -10.70
CA GLY B 136 -4.63 12.44 -10.38
C GLY B 136 -3.92 12.00 -9.13
N GLY B 137 -2.70 12.52 -8.99
CA GLY B 137 -1.85 12.15 -7.87
C GLY B 137 -0.59 13.00 -7.77
N LEU B 138 0.55 12.36 -7.54
CA LEU B 138 1.80 13.09 -7.32
C LEU B 138 2.31 13.80 -8.56
N ASP B 139 1.76 13.48 -9.74
CA ASP B 139 2.17 14.16 -10.97
C ASP B 139 1.62 15.56 -11.09
N ASN B 140 0.70 15.96 -10.19
CA ASN B 140 0.12 17.30 -10.08
C ASN B 140 -0.71 17.68 -11.30
N ILE B 141 -1.12 16.72 -12.11
CA ILE B 141 -1.96 16.94 -13.29
C ILE B 141 -3.23 16.11 -13.12
N CYS B 142 -4.38 16.73 -13.32
CA CYS B 142 -5.65 16.00 -13.27
C CYS B 142 -5.97 15.56 -14.69
N SER B 143 -5.95 14.25 -14.93
CA SER B 143 -6.17 13.71 -16.26
C SER B 143 -7.62 13.29 -16.41
N ILE B 144 -8.29 13.85 -17.41
CA ILE B 144 -9.67 13.54 -17.75
C ILE B 144 -9.63 12.65 -18.97
N TYR B 145 -10.06 11.40 -18.80
CA TYR B 145 -10.10 10.39 -19.84
C TYR B 145 -11.52 10.22 -20.35
N ASN B 146 -11.66 10.16 -21.67
CA ASN B 146 -12.94 10.03 -22.33
C ASN B 146 -13.27 8.56 -22.49
N LEU B 147 -14.43 8.14 -22.00
CA LEU B 147 -14.85 6.75 -22.09
C LEU B 147 -15.66 6.46 -23.34
N LYS B 148 -16.36 7.46 -23.85
CA LYS B 148 -17.13 7.32 -25.10
C LYS B 148 -16.31 7.96 -26.21
N THR B 149 -15.35 7.20 -26.72
CA THR B 149 -14.48 7.69 -27.78
C THR B 149 -15.24 7.82 -29.10
N ARG B 150 -16.21 6.91 -29.33
CA ARG B 150 -17.01 6.74 -30.55
C ARG B 150 -16.18 6.23 -31.72
N GLU B 151 -14.87 6.04 -31.52
CA GLU B 151 -14.00 5.44 -32.50
C GLU B 151 -13.32 4.18 -31.98
N GLY B 152 -12.65 4.28 -30.83
CA GLY B 152 -11.86 3.17 -30.33
C GLY B 152 -11.65 3.16 -28.84
N ASN B 153 -10.42 2.89 -28.42
CA ASN B 153 -10.10 2.68 -27.01
C ASN B 153 -10.16 3.98 -26.23
N VAL B 154 -10.17 3.86 -24.90
CA VAL B 154 -10.22 5.00 -24.01
C VAL B 154 -8.85 5.68 -24.03
N ARG B 155 -8.83 6.97 -24.35
CA ARG B 155 -7.62 7.77 -24.38
C ARG B 155 -7.84 9.06 -23.61
N VAL B 156 -6.73 9.71 -23.27
CA VAL B 156 -6.80 10.95 -22.49
C VAL B 156 -7.32 12.08 -23.37
N SER B 157 -8.24 12.87 -22.82
CA SER B 157 -8.79 14.02 -23.52
C SER B 157 -8.35 15.35 -22.93
N ARG B 158 -8.13 15.42 -21.62
CA ARG B 158 -7.67 16.66 -21.02
C ARG B 158 -6.63 16.37 -19.96
N GLU B 159 -5.62 17.24 -19.85
CA GLU B 159 -4.61 17.17 -18.80
C GLU B 159 -4.58 18.52 -18.11
N LEU B 160 -5.39 18.68 -17.07
CA LEU B 160 -5.51 19.94 -16.36
C LEU B 160 -4.28 20.17 -15.49
N ALA B 161 -3.57 21.28 -15.74
CA ALA B 161 -2.32 21.59 -15.08
C ALA B 161 -2.40 22.97 -14.44
N GLY B 162 -1.66 23.15 -13.36
CA GLY B 162 -1.66 24.43 -12.66
C GLY B 162 -1.49 24.29 -11.16
N HIS B 163 -1.54 23.06 -10.66
CA HIS B 163 -1.33 22.82 -9.25
C HIS B 163 0.15 22.73 -8.94
N THR B 164 0.51 23.11 -7.72
CA THR B 164 1.87 22.98 -7.21
C THR B 164 1.91 22.05 -6.01
N GLY B 165 1.22 20.92 -6.12
CA GLY B 165 1.17 19.94 -5.05
C GLY B 165 0.42 18.72 -5.52
N TYR B 166 0.45 17.68 -4.70
CA TYR B 166 -0.20 16.42 -5.06
C TYR B 166 -1.72 16.58 -5.09
N LEU B 167 -2.35 16.01 -6.10
CA LEU B 167 -3.80 16.07 -6.23
C LEU B 167 -4.41 15.07 -5.27
N SER B 168 -5.16 15.56 -4.29
CA SER B 168 -5.67 14.69 -3.24
C SER B 168 -7.07 14.18 -3.51
N CYS B 169 -7.91 14.97 -4.17
CA CYS B 169 -9.27 14.56 -4.47
C CYS B 169 -9.77 15.33 -5.68
N CYS B 170 -10.74 14.75 -6.38
CA CYS B 170 -11.38 15.43 -7.49
C CYS B 170 -12.78 14.87 -7.68
N ARG B 171 -13.77 15.75 -7.73
CA ARG B 171 -15.15 15.39 -8.00
C ARG B 171 -15.60 16.11 -9.25
N PHE B 172 -16.30 15.42 -10.14
CA PHE B 172 -16.90 16.05 -11.30
C PHE B 172 -18.16 16.81 -10.89
N LEU B 173 -18.37 17.97 -11.50
CA LEU B 173 -19.64 18.67 -11.40
C LEU B 173 -20.56 18.32 -12.56
N ASP B 174 -20.03 18.39 -13.77
CA ASP B 174 -20.66 17.90 -14.98
C ASP B 174 -19.54 17.58 -15.96
N ASP B 175 -19.89 17.41 -17.23
CA ASP B 175 -18.88 17.02 -18.21
C ASP B 175 -17.92 18.15 -18.56
N ASN B 176 -18.19 19.38 -18.12
CA ASN B 176 -17.36 20.52 -18.48
C ASN B 176 -16.76 21.24 -17.29
N GLN B 177 -17.08 20.85 -16.06
CA GLN B 177 -16.52 21.49 -14.89
C GLN B 177 -16.09 20.44 -13.87
N ILE B 178 -14.92 20.65 -13.27
CA ILE B 178 -14.42 19.73 -12.25
C ILE B 178 -13.88 20.53 -11.08
N VAL B 179 -13.98 19.95 -9.88
CA VAL B 179 -13.46 20.56 -8.66
C VAL B 179 -12.38 19.66 -8.12
N THR B 180 -11.19 20.20 -7.93
CA THR B 180 -10.04 19.44 -7.45
C THR B 180 -9.47 20.09 -6.19
N SER B 181 -8.65 19.32 -5.47
CA SER B 181 -7.97 19.79 -4.27
C SER B 181 -6.52 19.33 -4.31
N SER B 182 -5.62 20.16 -3.80
CA SER B 182 -4.20 19.86 -3.94
C SER B 182 -3.47 20.10 -2.64
N GLY B 183 -2.23 19.61 -2.60
CA GLY B 183 -1.32 19.73 -1.49
C GLY B 183 -0.59 21.05 -1.41
N ASP B 184 -0.87 21.97 -2.33
CA ASP B 184 -0.45 23.36 -2.17
C ASP B 184 -1.52 24.20 -1.47
N THR B 185 -2.31 23.54 -0.62
CA THR B 185 -3.31 24.15 0.27
C THR B 185 -4.39 24.93 -0.50
N THR B 186 -4.66 24.56 -1.75
CA THR B 186 -5.71 25.21 -2.53
C THR B 186 -6.61 24.17 -3.18
N CYS B 187 -7.86 24.56 -3.37
CA CYS B 187 -8.78 23.86 -4.26
C CYS B 187 -8.97 24.68 -5.53
N ALA B 188 -9.53 24.05 -6.55
CA ALA B 188 -9.71 24.75 -7.81
C ALA B 188 -10.93 24.22 -8.53
N LEU B 189 -11.51 25.08 -9.36
CA LEU B 189 -12.63 24.74 -10.22
C LEU B 189 -12.19 24.97 -11.66
N TRP B 190 -12.14 23.89 -12.44
CA TRP B 190 -11.60 23.89 -13.79
C TRP B 190 -12.70 23.76 -14.82
N ASP B 191 -12.58 24.53 -15.89
CA ASP B 191 -13.27 24.27 -17.14
C ASP B 191 -12.43 23.30 -17.96
N ILE B 192 -13.03 22.18 -18.36
CA ILE B 192 -12.27 21.14 -19.06
C ILE B 192 -11.90 21.59 -20.46
N GLU B 193 -12.83 22.23 -21.17
CA GLU B 193 -12.62 22.56 -22.58
C GLU B 193 -11.51 23.60 -22.76
N THR B 194 -11.56 24.70 -22.02
CA THR B 194 -10.48 25.66 -22.06
C THR B 194 -9.24 25.17 -21.33
N GLY B 195 -9.40 24.22 -20.41
CA GLY B 195 -8.28 23.64 -19.70
C GLY B 195 -7.70 24.51 -18.61
N GLN B 196 -8.37 25.60 -18.24
CA GLN B 196 -7.83 26.56 -17.31
C GLN B 196 -8.53 26.45 -15.96
N GLN B 197 -8.01 27.21 -15.00
CA GLN B 197 -8.61 27.33 -13.68
C GLN B 197 -9.63 28.46 -13.75
N THR B 198 -10.90 28.10 -13.84
CA THR B 198 -11.95 29.10 -13.76
C THR B 198 -11.99 29.77 -12.39
N THR B 199 -11.80 28.99 -11.33
CA THR B 199 -11.84 29.55 -9.98
C THR B 199 -10.78 28.88 -9.12
N THR B 200 -10.25 29.63 -8.16
CA THR B 200 -9.31 29.10 -7.18
C THR B 200 -9.84 29.38 -5.77
N PHE B 201 -9.82 28.37 -4.91
CA PHE B 201 -10.31 28.45 -3.54
C PHE B 201 -9.12 28.36 -2.60
N THR B 202 -8.79 29.48 -1.96
CA THR B 202 -7.67 29.56 -1.02
C THR B 202 -8.18 29.93 0.36
N GLY B 203 -7.35 29.66 1.36
CA GLY B 203 -7.71 29.94 2.73
C GLY B 203 -7.19 28.89 3.68
N HIS B 204 -6.81 27.75 3.13
CA HIS B 204 -6.29 26.66 3.95
C HIS B 204 -4.83 26.88 4.28
N THR B 205 -4.47 26.72 5.55
CA THR B 205 -3.07 26.77 5.97
C THR B 205 -2.43 25.39 5.99
N GLY B 206 -3.19 24.34 5.65
CA GLY B 206 -2.64 23.00 5.53
C GLY B 206 -3.11 22.36 4.24
N ASP B 207 -2.52 21.22 3.93
CA ASP B 207 -2.80 20.56 2.66
C ASP B 207 -4.20 19.95 2.66
N VAL B 208 -4.97 20.27 1.63
CA VAL B 208 -6.31 19.70 1.49
C VAL B 208 -6.19 18.24 1.11
N MET B 209 -6.94 17.37 1.82
CA MET B 209 -6.84 15.95 1.59
C MET B 209 -8.07 15.33 0.96
N SER B 210 -9.25 15.94 1.13
CA SER B 210 -10.47 15.39 0.55
C SER B 210 -11.51 16.49 0.42
N LEU B 211 -12.26 16.48 -0.68
CA LEU B 211 -13.39 17.37 -0.86
C LEU B 211 -14.63 16.56 -1.23
N SER B 212 -15.77 17.02 -0.75
CA SER B 212 -17.06 16.40 -1.05
C SER B 212 -17.98 17.42 -1.67
N LEU B 213 -18.68 17.02 -2.72
CA LEU B 213 -19.59 17.88 -3.46
C LEU B 213 -20.99 17.78 -2.87
N ALA B 214 -21.67 18.91 -2.75
CA ALA B 214 -23.03 18.90 -2.25
C ALA B 214 -23.97 18.24 -3.24
N PRO B 215 -25.06 17.63 -2.77
CA PRO B 215 -26.04 17.05 -3.71
C PRO B 215 -26.69 18.07 -4.62
N ASP B 216 -26.84 19.32 -4.17
CA ASP B 216 -27.34 20.39 -5.02
C ASP B 216 -26.25 20.99 -5.90
N THR B 217 -25.01 20.49 -5.79
CA THR B 217 -23.88 20.79 -6.69
C THR B 217 -23.58 22.28 -6.79
N ARG B 218 -23.87 23.03 -5.74
CA ARG B 218 -23.57 24.45 -5.68
C ARG B 218 -22.51 24.80 -4.64
N LEU B 219 -22.43 24.02 -3.57
CA LEU B 219 -21.40 24.18 -2.55
C LEU B 219 -20.55 22.92 -2.52
N PHE B 220 -19.40 23.02 -1.87
CA PHE B 220 -18.59 21.85 -1.58
C PHE B 220 -17.69 22.15 -0.39
N VAL B 221 -17.45 21.14 0.41
CA VAL B 221 -16.59 21.27 1.58
C VAL B 221 -15.26 20.62 1.27
N SER B 222 -14.24 20.97 2.04
CA SER B 222 -12.92 20.39 1.88
C SER B 222 -12.21 20.39 3.23
N GLY B 223 -11.63 19.26 3.60
CA GLY B 223 -10.91 19.12 4.85
C GLY B 223 -9.41 19.10 4.61
N ALA B 224 -8.67 19.78 5.48
CA ALA B 224 -7.23 19.93 5.28
C ALA B 224 -6.48 19.53 6.53
N CYS B 225 -5.15 19.52 6.41
CA CYS B 225 -4.26 19.10 7.48
C CYS B 225 -4.16 20.12 8.60
N ASP B 226 -4.73 21.31 8.44
CA ASP B 226 -4.79 22.29 9.51
C ASP B 226 -5.95 22.02 10.47
N ALA B 227 -6.46 20.78 10.48
CA ALA B 227 -7.53 20.33 11.38
C ALA B 227 -8.80 21.16 11.20
N SER B 228 -9.15 21.47 9.96
CA SER B 228 -10.35 22.24 9.69
C SER B 228 -10.92 21.86 8.33
N ALA B 229 -12.23 22.03 8.21
CA ALA B 229 -12.96 21.82 6.96
C ALA B 229 -13.66 23.11 6.58
N LYS B 230 -13.44 23.56 5.36
CA LYS B 230 -13.99 24.81 4.88
C LYS B 230 -15.09 24.53 3.86
N LEU B 231 -16.15 25.34 3.91
CA LEU B 231 -17.26 25.24 2.99
C LEU B 231 -17.14 26.34 1.96
N TRP B 232 -17.25 25.98 0.68
CA TRP B 232 -17.02 26.90 -0.42
C TRP B 232 -18.22 26.91 -1.35
N ASP B 233 -18.43 28.06 -1.98
CA ASP B 233 -19.43 28.23 -3.02
C ASP B 233 -18.74 28.15 -4.37
N VAL B 234 -19.23 27.25 -5.22
CA VAL B 234 -18.60 27.03 -6.52
C VAL B 234 -18.86 28.21 -7.45
N ARG B 235 -20.10 28.71 -7.49
CA ARG B 235 -20.46 29.76 -8.44
C ARG B 235 -19.79 31.08 -8.09
N GLU B 236 -19.76 31.45 -6.81
CA GLU B 236 -19.16 32.72 -6.43
C GLU B 236 -17.64 32.59 -6.33
N GLY B 237 -17.17 31.77 -5.39
CA GLY B 237 -15.75 31.49 -5.29
C GLY B 237 -15.09 31.90 -4.00
N MET B 238 -15.84 32.01 -2.91
CA MET B 238 -15.27 32.36 -1.62
C MET B 238 -15.78 31.42 -0.54
N CYS B 239 -14.98 31.29 0.51
CA CYS B 239 -15.35 30.47 1.66
C CYS B 239 -16.45 31.15 2.47
N ARG B 240 -17.35 30.33 3.01
CA ARG B 240 -18.46 30.81 3.83
C ARG B 240 -18.31 30.45 5.30
N GLN B 241 -18.02 29.19 5.60
CA GLN B 241 -17.89 28.71 6.97
C GLN B 241 -16.63 27.88 7.10
N THR B 242 -16.03 27.92 8.28
CA THR B 242 -14.84 27.15 8.59
C THR B 242 -15.09 26.39 9.88
N PHE B 243 -15.16 25.06 9.78
CA PHE B 243 -15.48 24.21 10.91
C PHE B 243 -14.21 23.60 11.45
N THR B 244 -13.97 23.77 12.75
CA THR B 244 -12.83 23.20 13.45
C THR B 244 -13.34 22.21 14.49
N GLY B 245 -12.40 21.67 15.25
CA GLY B 245 -12.75 20.70 16.29
C GLY B 245 -11.83 19.51 16.28
N HIS B 246 -11.36 19.13 15.08
CA HIS B 246 -10.46 18.00 14.97
C HIS B 246 -9.08 18.36 15.51
N GLU B 247 -8.32 17.33 15.88
CA GLU B 247 -7.02 17.50 16.49
C GLU B 247 -5.89 17.01 15.61
N SER B 248 -6.18 16.65 14.36
CA SER B 248 -5.17 16.14 13.45
C SER B 248 -5.65 16.39 12.03
N ASP B 249 -4.95 15.78 11.07
CA ASP B 249 -5.25 16.02 9.66
C ASP B 249 -6.55 15.33 9.27
N ILE B 250 -7.44 16.08 8.65
CA ILE B 250 -8.68 15.50 8.12
C ILE B 250 -8.36 14.79 6.81
N ASN B 251 -8.62 13.49 6.76
CA ASN B 251 -8.34 12.68 5.59
C ASN B 251 -9.57 12.42 4.75
N ALA B 252 -10.77 12.68 5.27
CA ALA B 252 -11.98 12.26 4.61
C ALA B 252 -13.09 13.25 4.89
N ILE B 253 -14.04 13.32 3.96
CA ILE B 253 -15.17 14.24 4.08
C ILE B 253 -16.29 13.70 3.20
N CYS B 254 -17.53 13.93 3.63
CA CYS B 254 -18.69 13.43 2.89
C CYS B 254 -19.91 14.22 3.32
N PHE B 255 -20.66 14.75 2.36
CA PHE B 255 -21.90 15.42 2.66
C PHE B 255 -22.97 14.45 3.13
N PHE B 256 -23.74 14.88 4.13
CA PHE B 256 -24.99 14.23 4.46
C PHE B 256 -25.92 14.35 3.24
N PRO B 257 -26.75 13.33 2.96
CA PRO B 257 -27.46 13.30 1.68
C PRO B 257 -28.44 14.44 1.43
N ASN B 258 -28.89 15.17 2.46
CA ASN B 258 -29.75 16.31 2.18
C ASN B 258 -28.99 17.57 1.80
N GLY B 259 -27.67 17.56 1.93
CA GLY B 259 -26.86 18.71 1.61
C GLY B 259 -26.72 19.75 2.69
N ASN B 260 -27.15 19.45 3.92
CA ASN B 260 -27.14 20.43 5.00
C ASN B 260 -26.34 19.97 6.22
N ALA B 261 -25.47 18.98 6.04
CA ALA B 261 -24.51 18.55 7.05
C ALA B 261 -23.41 17.81 6.33
N PHE B 262 -22.34 17.49 7.06
CA PHE B 262 -21.25 16.69 6.49
C PHE B 262 -20.41 16.08 7.59
N ALA B 263 -19.89 14.89 7.32
CA ALA B 263 -19.05 14.17 8.27
C ALA B 263 -17.59 14.22 7.81
N THR B 264 -16.69 14.29 8.79
CA THR B 264 -15.27 14.35 8.55
C THR B 264 -14.57 13.26 9.34
N GLY B 265 -13.58 12.63 8.72
CA GLY B 265 -12.73 11.66 9.39
C GLY B 265 -11.30 12.17 9.43
N SER B 266 -10.63 11.94 10.56
CA SER B 266 -9.35 12.55 10.82
C SER B 266 -8.37 11.51 11.34
N ASP B 267 -7.12 11.93 11.52
CA ASP B 267 -6.06 11.05 12.01
C ASP B 267 -6.09 10.87 13.52
N ASP B 268 -6.94 11.62 14.23
CA ASP B 268 -7.06 11.45 15.67
C ASP B 268 -8.12 10.42 16.06
N ALA B 269 -8.47 9.52 15.13
CA ALA B 269 -9.34 8.36 15.36
C ALA B 269 -10.75 8.75 15.75
N THR B 270 -11.24 9.90 15.28
CA THR B 270 -12.60 10.34 15.52
C THR B 270 -13.24 10.76 14.21
N CYS B 271 -14.56 10.60 14.15
CA CYS B 271 -15.38 11.18 13.09
C CYS B 271 -16.25 12.27 13.69
N ARG B 272 -16.64 13.25 12.88
CA ARG B 272 -17.45 14.33 13.38
C ARG B 272 -18.51 14.74 12.38
N LEU B 273 -19.72 15.00 12.87
CA LEU B 273 -20.84 15.41 12.02
C LEU B 273 -21.07 16.90 12.21
N PHE B 274 -20.56 17.70 11.29
CA PHE B 274 -20.75 19.14 11.32
C PHE B 274 -22.02 19.51 10.57
N ASP B 275 -22.64 20.62 10.99
CA ASP B 275 -23.87 21.11 10.41
C ASP B 275 -23.64 22.49 9.79
N LEU B 276 -24.14 22.68 8.57
CA LEU B 276 -23.97 23.95 7.88
C LEU B 276 -24.93 25.03 8.36
N ARG B 277 -26.03 24.66 9.02
CA ARG B 277 -27.00 25.65 9.49
C ARG B 277 -26.77 26.06 10.93
N ALA B 278 -26.48 25.11 11.83
CA ALA B 278 -26.08 25.45 13.18
C ALA B 278 -24.65 25.93 13.26
N ASP B 279 -23.87 25.75 12.19
CA ASP B 279 -22.49 26.21 12.06
C ASP B 279 -21.57 25.64 13.14
N GLN B 280 -21.86 24.42 13.60
CA GLN B 280 -21.01 23.82 14.62
C GLN B 280 -21.14 22.31 14.56
N GLU B 281 -20.26 21.64 15.30
CA GLU B 281 -20.28 20.19 15.41
C GLU B 281 -21.46 19.74 16.25
N LEU B 282 -22.17 18.72 15.78
CA LEU B 282 -23.27 18.13 16.52
C LEU B 282 -22.88 16.85 17.25
N MET B 283 -22.11 15.99 16.60
CA MET B 283 -21.87 14.64 17.11
C MET B 283 -20.42 14.24 16.82
N THR B 284 -19.82 13.54 17.78
CA THR B 284 -18.54 12.88 17.60
C THR B 284 -18.73 11.37 17.63
N TYR B 285 -18.01 10.68 16.76
CA TYR B 285 -18.05 9.23 16.64
C TYR B 285 -16.67 8.70 16.98
N SER B 286 -16.54 8.06 18.14
CA SER B 286 -15.27 7.52 18.58
C SER B 286 -15.55 6.40 19.57
N HIS B 287 -14.53 5.57 19.76
CA HIS B 287 -14.61 4.47 20.71
C HIS B 287 -13.24 4.23 21.29
N ASP B 288 -13.20 3.66 22.49
CA ASP B 288 -11.92 3.31 23.08
C ASP B 288 -11.31 2.13 22.35
N ASN B 289 -9.99 1.98 22.51
CA ASN B 289 -9.18 1.00 21.78
C ASN B 289 -9.29 1.16 20.27
N ILE B 290 -9.45 2.41 19.82
CA ILE B 290 -9.35 2.77 18.42
C ILE B 290 -8.37 3.93 18.34
N ILE B 291 -7.19 3.68 17.80
CA ILE B 291 -6.13 4.68 17.74
C ILE B 291 -5.72 5.01 16.31
N CYS B 292 -6.26 4.32 15.33
CA CYS B 292 -5.87 4.53 13.95
C CYS B 292 -6.75 5.59 13.30
N GLY B 293 -6.18 6.25 12.29
CA GLY B 293 -6.91 7.30 11.60
C GLY B 293 -7.96 6.76 10.66
N ILE B 294 -8.86 7.66 10.26
CA ILE B 294 -9.92 7.36 9.30
C ILE B 294 -9.46 7.78 7.93
N THR B 295 -9.58 6.87 6.96
CA THR B 295 -9.17 7.16 5.60
C THR B 295 -10.32 7.63 4.72
N SER B 296 -11.53 7.11 4.97
CA SER B 296 -12.68 7.40 4.15
C SER B 296 -13.91 7.50 5.03
N VAL B 297 -14.85 8.35 4.63
CA VAL B 297 -16.18 8.37 5.23
C VAL B 297 -17.20 8.42 4.10
N SER B 298 -18.39 7.88 4.38
CA SER B 298 -19.48 7.94 3.43
C SER B 298 -20.79 7.74 4.19
N PHE B 299 -21.88 8.18 3.59
CA PHE B 299 -23.20 8.04 4.18
C PHE B 299 -24.04 7.09 3.35
N SER B 300 -25.09 6.55 3.98
CA SER B 300 -26.03 5.68 3.27
C SER B 300 -26.98 6.52 2.43
N LYS B 301 -27.99 5.87 1.86
CA LYS B 301 -28.98 6.60 1.06
C LYS B 301 -29.77 7.58 1.91
N SER B 302 -30.18 7.16 3.10
CA SER B 302 -30.90 8.03 4.00
C SER B 302 -30.01 8.76 4.98
N GLY B 303 -28.72 8.41 5.04
CA GLY B 303 -27.83 9.03 6.00
C GLY B 303 -27.96 8.57 7.42
N ARG B 304 -28.75 7.52 7.67
CA ARG B 304 -28.86 6.99 9.03
C ARG B 304 -27.58 6.28 9.45
N LEU B 305 -26.95 5.56 8.53
CA LEU B 305 -25.73 4.81 8.82
C LEU B 305 -24.55 5.54 8.22
N LEU B 306 -23.53 5.78 9.05
CA LEU B 306 -22.30 6.44 8.61
C LEU B 306 -21.18 5.40 8.54
N LEU B 307 -20.64 5.20 7.35
CA LEU B 307 -19.60 4.22 7.11
C LEU B 307 -18.25 4.91 7.15
N ALA B 308 -17.32 4.40 7.96
CA ALA B 308 -16.01 5.00 8.13
C ALA B 308 -14.94 3.94 7.95
N GLY B 309 -14.09 4.13 6.94
CA GLY B 309 -12.98 3.21 6.72
C GLY B 309 -11.81 3.56 7.59
N TYR B 310 -11.25 2.56 8.27
CA TYR B 310 -10.18 2.75 9.24
C TYR B 310 -8.90 2.12 8.76
N ASP B 311 -7.83 2.38 9.52
CA ASP B 311 -6.52 1.80 9.28
C ASP B 311 -6.28 0.51 10.04
N ASP B 312 -7.22 0.09 10.89
CA ASP B 312 -7.10 -1.18 11.59
C ASP B 312 -7.79 -2.31 10.85
N PHE B 313 -7.79 -2.24 9.52
CA PHE B 313 -8.29 -3.26 8.60
C PHE B 313 -9.79 -3.44 8.70
N ASN B 314 -10.50 -2.44 9.23
CA ASN B 314 -11.93 -2.53 9.46
C ASN B 314 -12.61 -1.31 8.86
N CYS B 315 -13.91 -1.46 8.60
CA CYS B 315 -14.76 -0.36 8.14
C CYS B 315 -15.94 -0.30 9.11
N ASN B 316 -15.87 0.62 10.06
CA ASN B 316 -16.92 0.72 11.07
C ASN B 316 -18.18 1.31 10.47
N VAL B 317 -19.32 0.90 11.03
CA VAL B 317 -20.64 1.32 10.55
C VAL B 317 -21.32 1.93 11.75
N TRP B 318 -21.22 3.25 11.90
CA TRP B 318 -21.79 3.97 13.02
C TRP B 318 -23.23 4.36 12.73
N ASP B 319 -23.96 4.64 13.81
CA ASP B 319 -25.27 5.25 13.70
C ASP B 319 -25.09 6.77 13.80
N ALA B 320 -25.55 7.48 12.76
CA ALA B 320 -25.28 8.91 12.65
C ALA B 320 -26.04 9.74 13.67
N LEU B 321 -26.99 9.17 14.39
CA LEU B 321 -27.73 9.90 15.41
C LEU B 321 -27.48 9.40 16.82
N LYS B 322 -27.15 8.12 17.00
CA LYS B 322 -26.92 7.55 18.32
C LYS B 322 -25.45 7.48 18.69
N ALA B 323 -24.54 7.67 17.74
CA ALA B 323 -23.09 7.63 17.92
C ALA B 323 -22.64 6.29 18.52
N ASP B 324 -23.22 5.20 18.04
CA ASP B 324 -22.83 3.88 18.50
C ASP B 324 -22.55 2.98 17.29
N ARG B 325 -21.66 2.02 17.51
CA ARG B 325 -21.17 1.15 16.44
C ARG B 325 -22.24 0.13 16.10
N ALA B 326 -22.99 0.40 15.03
CA ALA B 326 -23.98 -0.56 14.56
C ALA B 326 -23.34 -1.81 13.99
N GLY B 327 -22.30 -1.64 13.17
CA GLY B 327 -21.72 -2.79 12.50
C GLY B 327 -20.24 -2.61 12.20
N VAL B 328 -19.65 -3.67 11.66
CA VAL B 328 -18.24 -3.66 11.29
C VAL B 328 -18.07 -4.51 10.04
N LEU B 329 -17.27 -4.04 9.10
CA LEU B 329 -17.06 -4.70 7.82
C LEU B 329 -15.61 -5.14 7.75
N ALA B 330 -15.34 -6.34 8.26
CA ALA B 330 -14.00 -6.91 8.29
C ALA B 330 -13.81 -7.87 7.13
N GLY B 331 -12.55 -8.04 6.74
CA GLY B 331 -12.23 -8.93 5.64
C GLY B 331 -11.10 -8.45 4.76
N HIS B 332 -10.56 -7.27 5.05
CA HIS B 332 -9.45 -6.72 4.28
C HIS B 332 -8.14 -7.03 4.98
N ASP B 333 -7.15 -7.49 4.19
CA ASP B 333 -5.84 -7.78 4.74
C ASP B 333 -5.13 -6.50 5.18
N ASN B 334 -5.26 -5.44 4.41
CA ASN B 334 -4.51 -4.20 4.59
C ASN B 334 -5.47 -3.07 4.90
N ARG B 335 -4.93 -1.85 4.90
CA ARG B 335 -5.69 -0.68 5.32
C ARG B 335 -6.78 -0.37 4.32
N VAL B 336 -8.02 -0.25 4.82
CA VAL B 336 -9.10 0.32 4.02
C VAL B 336 -8.73 1.74 3.67
N SER B 337 -8.87 2.11 2.40
CA SER B 337 -8.45 3.42 1.96
C SER B 337 -9.51 4.22 1.23
N CYS B 338 -10.61 3.61 0.80
CA CYS B 338 -11.65 4.34 0.09
C CYS B 338 -12.99 3.63 0.25
N LEU B 339 -14.05 4.41 0.36
CA LEU B 339 -15.41 3.92 0.54
C LEU B 339 -16.31 4.50 -0.54
N GLY B 340 -17.39 3.80 -0.82
CA GLY B 340 -18.38 4.31 -1.75
C GLY B 340 -19.75 3.70 -1.60
N VAL B 341 -20.78 4.53 -1.46
CA VAL B 341 -22.15 4.06 -1.35
C VAL B 341 -22.89 4.48 -2.61
N THR B 342 -23.66 3.55 -3.16
CA THR B 342 -24.29 3.78 -4.45
C THR B 342 -25.36 4.85 -4.36
N ASP B 343 -25.72 5.39 -5.52
CA ASP B 343 -26.77 6.42 -5.57
C ASP B 343 -28.11 5.86 -5.11
N ASP B 344 -28.44 4.64 -5.51
CA ASP B 344 -29.62 3.97 -4.99
C ASP B 344 -29.41 3.35 -3.62
N GLY B 345 -28.18 3.36 -3.13
CA GLY B 345 -27.89 3.04 -1.74
C GLY B 345 -27.89 1.58 -1.38
N MET B 346 -27.86 0.68 -2.36
CA MET B 346 -27.95 -0.75 -2.05
C MET B 346 -26.66 -1.27 -1.44
N ALA B 347 -25.52 -0.94 -2.03
CA ALA B 347 -24.26 -1.59 -1.69
C ALA B 347 -23.24 -0.58 -1.18
N VAL B 348 -22.24 -1.12 -0.48
CA VAL B 348 -21.08 -0.37 -0.03
C VAL B 348 -19.85 -1.00 -0.66
N ALA B 349 -18.99 -0.19 -1.25
CA ALA B 349 -17.78 -0.69 -1.86
C ALA B 349 -16.58 -0.18 -1.08
N THR B 350 -15.71 -1.10 -0.70
CA THR B 350 -14.59 -0.82 0.18
C THR B 350 -13.31 -1.22 -0.54
N GLY B 351 -12.45 -0.24 -0.80
CA GLY B 351 -11.15 -0.50 -1.36
C GLY B 351 -10.11 -0.57 -0.27
N SER B 352 -8.94 -1.10 -0.62
CA SER B 352 -7.94 -1.37 0.40
C SER B 352 -6.57 -1.49 -0.26
N TRP B 353 -5.54 -1.48 0.58
CA TRP B 353 -4.17 -1.59 0.12
C TRP B 353 -3.77 -3.00 -0.27
N ASP B 354 -4.62 -4.00 0.00
CA ASP B 354 -4.33 -5.38 -0.38
C ASP B 354 -4.90 -5.73 -1.75
N SER B 355 -5.10 -4.73 -2.62
CA SER B 355 -5.49 -4.86 -4.02
C SER B 355 -6.86 -5.49 -4.23
N PHE B 356 -7.74 -5.43 -3.23
CA PHE B 356 -9.07 -6.01 -3.33
C PHE B 356 -10.13 -4.97 -3.05
N LEU B 357 -11.15 -4.91 -3.89
CA LEU B 357 -12.37 -4.18 -3.58
C LEU B 357 -13.44 -5.18 -3.12
N LYS B 358 -14.27 -4.73 -2.20
CA LYS B 358 -15.32 -5.58 -1.67
C LYS B 358 -16.67 -4.86 -1.73
N ILE B 359 -17.69 -5.59 -2.16
CA ILE B 359 -19.05 -5.07 -2.28
C ILE B 359 -19.88 -5.70 -1.18
N TRP B 360 -20.65 -4.87 -0.46
CA TRP B 360 -21.39 -5.29 0.72
C TRP B 360 -22.85 -4.89 0.59
N ASN B 361 -23.74 -5.73 1.12
CA ASN B 361 -25.17 -5.45 1.16
C ASN B 361 -25.74 -5.81 2.52
N SER C 8 2.27 38.86 3.80
CA SER C 8 2.68 39.85 4.79
C SER C 8 1.46 40.54 5.40
N ILE C 9 1.31 41.83 5.10
CA ILE C 9 0.15 42.58 5.59
C ILE C 9 -1.11 42.13 4.87
N ALA C 10 -1.01 41.82 3.57
CA ALA C 10 -2.17 41.35 2.82
C ALA C 10 -2.66 40.01 3.34
N GLN C 11 -1.73 39.10 3.66
CA GLN C 11 -2.11 37.82 4.26
C GLN C 11 -2.72 38.03 5.64
N ALA C 12 -2.17 38.96 6.43
CA ALA C 12 -2.69 39.22 7.75
C ALA C 12 -4.04 39.92 7.72
N ARG C 13 -4.38 40.57 6.61
CA ARG C 13 -5.68 41.20 6.45
C ARG C 13 -6.71 40.26 5.82
N LYS C 14 -6.24 39.28 5.05
CA LYS C 14 -7.16 38.37 4.34
C LYS C 14 -7.97 37.53 5.32
N LEU C 15 -7.32 36.96 6.34
CA LEU C 15 -8.08 36.14 7.29
C LEU C 15 -8.97 36.99 8.17
N VAL C 16 -8.59 38.25 8.42
CA VAL C 16 -9.45 39.16 9.16
C VAL C 16 -10.70 39.49 8.35
N GLU C 17 -10.54 39.71 7.04
CA GLU C 17 -11.70 39.93 6.18
C GLU C 17 -12.59 38.68 6.10
N GLN C 18 -11.96 37.50 6.05
CA GLN C 18 -12.71 36.26 6.03
C GLN C 18 -13.49 36.05 7.33
N LEU C 19 -12.86 36.37 8.47
CA LEU C 19 -13.55 36.27 9.75
C LEU C 19 -14.62 37.34 9.89
N LYS C 20 -14.46 38.47 9.20
CA LYS C 20 -15.51 39.48 9.16
C LYS C 20 -16.72 38.96 8.41
N MET C 21 -16.51 38.36 7.24
CA MET C 21 -17.62 37.85 6.44
C MET C 21 -18.14 36.51 6.95
N GLU C 22 -17.45 35.90 7.92
CA GLU C 22 -17.84 34.60 8.45
C GLU C 22 -18.66 34.68 9.72
N ALA C 23 -18.47 35.72 10.54
CA ALA C 23 -19.23 35.87 11.77
C ALA C 23 -20.58 36.55 11.55
N ASN C 24 -20.87 37.00 10.33
CA ASN C 24 -22.10 37.73 10.05
C ASN C 24 -23.22 36.85 9.53
N ILE C 25 -23.03 35.53 9.45
CA ILE C 25 -24.07 34.66 8.93
C ILE C 25 -25.10 34.37 10.03
N ASP C 26 -26.27 33.90 9.60
CA ASP C 26 -27.34 33.55 10.52
C ASP C 26 -27.21 32.11 10.94
N ARG C 27 -27.27 31.86 12.24
CA ARG C 27 -27.11 30.53 12.81
C ARG C 27 -28.43 30.11 13.44
N ILE C 28 -28.98 28.99 12.99
CA ILE C 28 -30.18 28.43 13.61
C ILE C 28 -29.73 27.59 14.81
N LYS C 29 -30.68 27.20 15.65
CA LYS C 29 -30.36 26.45 16.84
C LYS C 29 -29.93 25.02 16.49
N VAL C 30 -29.17 24.42 17.40
CA VAL C 30 -28.75 23.03 17.22
C VAL C 30 -29.95 22.10 17.30
N SER C 31 -30.93 22.44 18.15
CA SER C 31 -32.12 21.61 18.31
C SER C 31 -32.92 21.50 17.02
N LYS C 32 -33.11 22.62 16.33
CA LYS C 32 -33.89 22.60 15.10
C LYS C 32 -33.17 21.87 13.97
N ALA C 33 -31.87 22.14 13.81
CA ALA C 33 -31.09 21.46 12.77
C ALA C 33 -31.00 19.96 13.02
N ALA C 34 -30.80 19.57 14.28
CA ALA C 34 -30.73 18.15 14.61
C ALA C 34 -32.09 17.48 14.45
N ALA C 35 -33.17 18.19 14.75
CA ALA C 35 -34.50 17.66 14.50
C ALA C 35 -34.76 17.49 13.01
N ASP C 36 -34.28 18.42 12.19
CA ASP C 36 -34.42 18.29 10.74
C ASP C 36 -33.62 17.12 10.21
N LEU C 37 -32.41 16.91 10.74
CA LEU C 37 -31.62 15.75 10.37
C LEU C 37 -32.32 14.45 10.77
N MET C 38 -32.89 14.41 11.97
CA MET C 38 -33.64 13.25 12.43
C MET C 38 -34.84 12.96 11.53
N ALA C 39 -35.60 14.01 11.20
CA ALA C 39 -36.80 13.84 10.37
C ALA C 39 -36.43 13.39 8.96
N TYR C 40 -35.31 13.87 8.42
CA TYR C 40 -34.83 13.33 7.16
C TYR C 40 -34.44 11.87 7.30
N CYS C 41 -33.88 11.48 8.45
CA CYS C 41 -33.51 10.10 8.65
C CYS C 41 -34.74 9.18 8.66
N GLU C 42 -35.82 9.57 9.35
CA GLU C 42 -36.99 8.67 9.24
C GLU C 42 -37.70 8.78 7.90
N ALA C 43 -37.66 9.95 7.25
CA ALA C 43 -38.46 10.15 6.05
C ALA C 43 -37.97 9.28 4.89
N HIS C 44 -36.66 9.04 4.81
CA HIS C 44 -36.07 8.27 3.73
C HIS C 44 -35.56 6.91 4.19
N ALA C 45 -35.99 6.45 5.37
CA ALA C 45 -35.48 5.21 5.94
C ALA C 45 -35.97 3.99 5.18
N LYS C 46 -37.16 4.06 4.58
CA LYS C 46 -37.73 2.91 3.90
C LYS C 46 -37.07 2.63 2.57
N GLU C 47 -36.37 3.60 1.99
CA GLU C 47 -35.68 3.43 0.71
C GLU C 47 -34.19 3.25 0.87
N ASP C 48 -33.71 2.97 2.09
CA ASP C 48 -32.31 2.73 2.33
C ASP C 48 -32.09 1.23 2.50
N PRO C 49 -31.51 0.54 1.51
CA PRO C 49 -31.36 -0.92 1.62
C PRO C 49 -30.39 -1.37 2.70
N LEU C 50 -29.50 -0.50 3.19
CA LEU C 50 -28.63 -0.90 4.28
C LEU C 50 -29.36 -0.97 5.61
N LEU C 51 -30.36 -0.11 5.81
CA LEU C 51 -31.13 -0.15 7.04
C LEU C 51 -32.08 -1.35 7.06
N THR C 52 -32.67 -1.67 5.92
CA THR C 52 -33.66 -2.75 5.80
C THR C 52 -33.14 -3.71 4.73
N PRO C 53 -32.25 -4.63 5.10
CA PRO C 53 -31.61 -5.50 4.10
C PRO C 53 -32.53 -6.63 3.68
N VAL C 54 -32.97 -6.59 2.44
CA VAL C 54 -33.67 -7.75 1.86
C VAL C 54 -32.68 -8.90 1.69
N PRO C 55 -33.04 -10.14 2.03
CA PRO C 55 -32.09 -11.25 1.90
C PRO C 55 -31.61 -11.52 0.49
N ALA C 56 -32.52 -11.85 -0.43
CA ALA C 56 -32.13 -12.22 -1.78
C ALA C 56 -33.07 -11.76 -2.88
N SER C 57 -34.13 -11.00 -2.57
CA SER C 57 -35.18 -10.79 -3.55
C SER C 57 -34.76 -9.77 -4.62
N GLU C 58 -34.52 -8.53 -4.21
CA GLU C 58 -34.26 -7.45 -5.17
C GLU C 58 -32.81 -6.99 -5.15
N ASN C 59 -31.94 -7.64 -4.39
CA ASN C 59 -30.52 -7.30 -4.40
C ASN C 59 -29.90 -7.81 -5.69
N PRO C 60 -29.27 -6.95 -6.50
CA PRO C 60 -28.55 -7.45 -7.68
C PRO C 60 -27.25 -8.14 -7.36
N PHE C 61 -26.78 -8.05 -6.11
CA PHE C 61 -25.55 -8.71 -5.72
C PHE C 61 -25.84 -9.95 -4.89
N ILE D 238 1.91 -58.38 30.40
CA ILE D 238 1.10 -57.31 30.96
C ILE D 238 1.39 -56.01 30.21
N THR D 239 0.64 -55.77 29.13
CA THR D 239 0.85 -54.58 28.32
C THR D 239 -0.48 -53.97 27.86
N ALA D 240 -1.53 -54.08 28.66
CA ALA D 240 -2.85 -53.59 28.27
C ALA D 240 -3.58 -52.77 29.32
N ILE D 241 -3.23 -52.89 30.59
CA ILE D 241 -3.96 -52.17 31.63
C ILE D 241 -3.40 -50.77 31.85
N THR D 242 -2.08 -50.62 31.74
CA THR D 242 -1.42 -49.34 31.95
C THR D 242 -1.13 -48.61 30.65
N ILE D 243 -1.68 -49.08 29.53
CA ILE D 243 -1.37 -48.51 28.23
C ILE D 243 -2.56 -47.76 27.62
N MET D 244 -3.78 -47.94 28.13
CA MET D 244 -4.94 -47.30 27.52
C MET D 244 -5.03 -45.81 27.85
N ALA D 245 -4.44 -45.37 28.97
CA ALA D 245 -4.53 -43.97 29.34
C ALA D 245 -3.78 -43.07 28.37
N LEU D 246 -2.61 -43.52 27.91
CA LEU D 246 -1.85 -42.76 26.92
C LEU D 246 -2.61 -42.67 25.60
N TYR D 247 -3.21 -43.79 25.16
CA TYR D 247 -3.97 -43.78 23.91
C TYR D 247 -5.18 -42.86 24.02
N SER D 248 -5.89 -42.91 25.15
CA SER D 248 -7.05 -42.05 25.34
C SER D 248 -6.66 -40.58 25.38
N ILE D 249 -5.54 -40.25 26.04
CA ILE D 249 -5.08 -38.86 26.10
C ILE D 249 -4.71 -38.36 24.72
N VAL D 250 -3.96 -39.18 23.96
CA VAL D 250 -3.56 -38.78 22.62
C VAL D 250 -4.78 -38.60 21.71
N CYS D 251 -5.76 -39.50 21.81
CA CYS D 251 -6.91 -39.39 20.93
C CYS D 251 -7.81 -38.19 21.30
N VAL D 252 -7.95 -37.89 22.60
CA VAL D 252 -8.78 -36.75 22.96
C VAL D 252 -8.08 -35.43 22.61
N VAL D 253 -6.74 -35.39 22.73
CA VAL D 253 -6.01 -34.19 22.30
C VAL D 253 -6.11 -34.01 20.80
N GLY D 254 -6.02 -35.11 20.04
CA GLY D 254 -6.16 -35.02 18.59
C GLY D 254 -7.53 -34.57 18.16
N LEU D 255 -8.59 -35.13 18.76
CA LEU D 255 -9.94 -34.72 18.38
C LEU D 255 -10.23 -33.29 18.81
N PHE D 256 -9.71 -32.87 19.97
CA PHE D 256 -9.88 -31.48 20.40
C PHE D 256 -9.18 -30.52 19.45
N GLY D 257 -7.95 -30.84 19.04
CA GLY D 257 -7.24 -29.98 18.11
C GLY D 257 -7.91 -29.92 16.75
N ASN D 258 -8.37 -31.07 16.25
CA ASN D 258 -9.08 -31.07 14.97
C ASN D 258 -10.39 -30.30 15.05
N PHE D 259 -11.12 -30.44 16.16
CA PHE D 259 -12.37 -29.70 16.34
C PHE D 259 -12.11 -28.20 16.40
N LEU D 260 -11.03 -27.79 17.07
CA LEU D 260 -10.67 -26.37 17.08
C LEU D 260 -10.26 -25.90 15.70
N VAL D 261 -9.65 -26.76 14.89
CA VAL D 261 -9.29 -26.38 13.53
C VAL D 261 -10.53 -26.21 12.66
N MET D 262 -11.48 -27.16 12.73
CA MET D 262 -12.76 -26.99 12.05
C MET D 262 -13.53 -25.79 12.54
N TYR D 263 -13.33 -25.36 13.79
CA TYR D 263 -14.09 -24.24 14.31
C TYR D 263 -13.59 -22.90 13.78
N VAL D 264 -12.33 -22.81 13.37
CA VAL D 264 -11.71 -21.54 13.05
C VAL D 264 -11.61 -21.31 11.55
N ILE D 265 -12.44 -21.98 10.76
CA ILE D 265 -12.44 -21.78 9.31
C ILE D 265 -13.86 -21.49 8.84
N VAL D 266 -14.83 -21.63 9.73
CA VAL D 266 -16.25 -21.55 9.39
C VAL D 266 -16.80 -20.22 9.90
N ARG D 267 -17.44 -19.48 9.00
CA ARG D 267 -18.07 -18.18 9.28
C ARG D 267 -17.07 -17.18 9.84
N TYR D 268 -15.85 -17.21 9.29
CA TYR D 268 -14.84 -16.21 9.57
C TYR D 268 -14.47 -15.51 8.27
N THR D 269 -14.22 -14.21 8.37
CA THR D 269 -13.87 -13.42 7.19
C THR D 269 -12.56 -13.88 6.58
N LYS D 270 -11.59 -14.24 7.42
CA LYS D 270 -10.35 -14.82 6.96
C LYS D 270 -10.54 -16.33 6.78
N MET D 271 -9.43 -17.03 6.55
CA MET D 271 -9.38 -18.50 6.42
C MET D 271 -10.28 -18.98 5.28
N LYS D 272 -9.93 -18.59 4.06
CA LYS D 272 -10.72 -18.93 2.88
C LYS D 272 -9.90 -19.55 1.74
N THR D 273 -8.58 -19.42 1.75
CA THR D 273 -7.76 -19.82 0.62
C THR D 273 -7.75 -21.34 0.45
N ALA D 274 -7.32 -21.78 -0.73
CA ALA D 274 -7.43 -23.19 -1.12
C ALA D 274 -6.56 -24.09 -0.26
N THR D 275 -5.35 -23.63 0.09
CA THR D 275 -4.50 -24.43 0.96
C THR D 275 -5.11 -24.59 2.35
N ASN D 276 -5.81 -23.56 2.83
CA ASN D 276 -6.37 -23.65 4.17
C ASN D 276 -7.58 -24.56 4.20
N ILE D 277 -8.39 -24.58 3.13
CA ILE D 277 -9.50 -25.55 3.12
C ILE D 277 -8.99 -26.95 2.82
N TYR D 278 -7.82 -27.07 2.19
CA TYR D 278 -7.21 -28.39 2.08
C TYR D 278 -6.73 -28.88 3.44
N ILE D 279 -6.21 -27.96 4.26
CA ILE D 279 -5.85 -28.29 5.63
C ILE D 279 -7.11 -28.62 6.44
N PHE D 280 -8.23 -27.94 6.15
CA PHE D 280 -9.53 -28.32 6.68
C PHE D 280 -9.90 -29.77 6.35
N ASN D 281 -9.72 -30.16 5.09
CA ASN D 281 -10.05 -31.53 4.69
C ASN D 281 -9.13 -32.53 5.38
N LEU D 282 -7.84 -32.21 5.46
CA LEU D 282 -6.89 -33.08 6.17
C LEU D 282 -7.25 -33.19 7.65
N ALA D 283 -7.71 -32.09 8.25
CA ALA D 283 -8.06 -32.11 9.66
C ALA D 283 -9.33 -32.90 9.92
N LEU D 284 -10.31 -32.83 9.01
CA LEU D 284 -11.52 -33.62 9.20
C LEU D 284 -11.24 -35.11 8.98
N ALA D 285 -10.35 -35.43 8.04
CA ALA D 285 -9.92 -36.83 7.88
C ALA D 285 -9.19 -37.31 9.12
N ASP D 286 -8.34 -36.45 9.70
CA ASP D 286 -7.66 -36.80 10.95
C ASP D 286 -8.64 -36.98 12.09
N ALA D 287 -9.67 -36.14 12.17
CA ALA D 287 -10.68 -36.28 13.20
C ALA D 287 -11.46 -37.58 13.05
N LEU D 288 -11.79 -37.95 11.81
CA LEU D 288 -12.45 -39.22 11.56
C LEU D 288 -11.56 -40.40 11.92
N ALA D 289 -10.25 -40.26 11.70
CA ALA D 289 -9.32 -41.32 12.09
C ALA D 289 -9.25 -41.45 13.60
N THR D 290 -9.12 -40.34 14.31
CA THR D 290 -8.91 -40.38 15.75
C THR D 290 -10.20 -40.59 16.53
N SER D 291 -11.37 -40.44 15.91
CA SER D 291 -12.61 -40.73 16.61
C SER D 291 -12.82 -42.23 16.81
N THR D 292 -12.21 -43.06 15.98
CA THR D 292 -12.35 -44.51 16.10
C THR D 292 -11.22 -45.13 16.91
N LEU D 293 -10.33 -44.33 17.47
CA LEU D 293 -9.28 -44.86 18.34
C LEU D 293 -9.83 -45.50 19.63
N PRO D 294 -10.76 -44.90 20.38
CA PRO D 294 -11.29 -45.64 21.54
C PRO D 294 -12.08 -46.89 21.17
N PHE D 295 -12.81 -46.86 20.05
CA PHE D 295 -13.57 -48.03 19.64
C PHE D 295 -12.67 -49.17 19.20
N GLN D 296 -11.50 -48.85 18.62
CA GLN D 296 -10.52 -49.89 18.32
C GLN D 296 -9.81 -50.35 19.59
N SER D 297 -9.57 -49.43 20.53
CA SER D 297 -8.86 -49.76 21.76
C SER D 297 -9.70 -50.53 22.75
N VAL D 298 -11.02 -50.54 22.58
CA VAL D 298 -11.89 -51.36 23.43
C VAL D 298 -11.55 -52.84 23.28
N ASN D 299 -11.36 -53.29 22.04
CA ASN D 299 -11.01 -54.69 21.79
C ASN D 299 -9.62 -55.04 22.30
N TYR D 300 -8.74 -54.05 22.47
CA TYR D 300 -7.43 -54.32 23.04
C TYR D 300 -7.45 -54.31 24.57
N LEU D 301 -8.26 -53.43 25.16
CA LEU D 301 -8.36 -53.35 26.61
C LEU D 301 -9.33 -54.36 27.21
N MET D 302 -10.08 -55.07 26.37
CA MET D 302 -11.01 -56.10 26.84
C MET D 302 -10.72 -57.47 26.24
N GLY D 303 -10.35 -57.54 24.97
CA GLY D 303 -10.24 -58.80 24.28
C GLY D 303 -11.52 -59.32 23.68
N THR D 304 -12.60 -58.55 23.77
CA THR D 304 -13.90 -58.94 23.25
C THR D 304 -14.45 -57.79 22.41
N TRP D 305 -15.19 -58.14 21.36
CA TRP D 305 -15.76 -57.16 20.43
C TRP D 305 -17.28 -57.29 20.47
N PRO D 306 -17.96 -56.61 21.40
CA PRO D 306 -19.42 -56.61 21.43
C PRO D 306 -20.06 -55.45 20.66
N PHE D 307 -19.28 -54.73 19.86
CA PHE D 307 -19.78 -53.49 19.24
C PHE D 307 -20.85 -53.78 18.21
N GLY D 308 -20.61 -54.73 17.31
CA GLY D 308 -21.61 -55.07 16.32
C GLY D 308 -21.06 -55.32 14.93
N THR D 309 -21.90 -55.85 14.05
CA THR D 309 -21.46 -56.19 12.70
C THR D 309 -21.18 -54.94 11.88
N ILE D 310 -22.10 -53.98 11.92
CA ILE D 310 -21.90 -52.71 11.20
C ILE D 310 -20.82 -51.88 11.88
N LEU D 311 -20.64 -52.06 13.19
CA LEU D 311 -19.67 -51.26 13.95
C LEU D 311 -18.24 -51.52 13.49
N CYS D 312 -17.88 -52.78 13.25
CA CYS D 312 -16.57 -53.03 12.65
C CYS D 312 -16.58 -52.81 11.15
N LYS D 313 -17.75 -52.75 10.53
CA LYS D 313 -17.83 -52.46 9.11
C LYS D 313 -17.43 -51.02 8.81
N ILE D 314 -17.46 -50.15 9.80
CA ILE D 314 -17.12 -48.75 9.59
C ILE D 314 -15.77 -48.36 10.19
N VAL D 315 -15.18 -49.20 11.03
CA VAL D 315 -13.88 -48.85 11.60
C VAL D 315 -12.73 -49.33 10.72
N ILE D 316 -12.90 -50.44 10.00
CA ILE D 316 -11.89 -50.88 9.05
C ILE D 316 -12.01 -50.12 7.74
N SER D 317 -13.20 -49.59 7.42
CA SER D 317 -13.38 -48.78 6.24
C SER D 317 -12.86 -47.36 6.45
N ILE D 318 -13.01 -46.83 7.65
CA ILE D 318 -12.47 -45.50 7.95
C ILE D 318 -10.96 -45.54 8.10
N ASP D 319 -10.38 -46.72 8.34
CA ASP D 319 -8.94 -46.83 8.44
C ASP D 319 -8.28 -46.74 7.07
N TYR D 320 -8.90 -47.36 6.06
CA TYR D 320 -8.45 -47.15 4.69
C TYR D 320 -8.84 -45.79 4.15
N TYR D 321 -9.80 -45.10 4.77
CA TYR D 321 -10.06 -43.71 4.40
C TYR D 321 -8.87 -42.82 4.72
N ASN D 322 -8.51 -42.70 6.01
CA ASN D 322 -7.51 -41.73 6.41
C ASN D 322 -6.12 -42.06 5.90
N MET D 323 -5.84 -43.32 5.59
CA MET D 323 -4.57 -43.64 4.97
C MET D 323 -4.52 -43.16 3.52
N PHE D 324 -5.59 -43.42 2.77
CA PHE D 324 -5.57 -43.11 1.35
C PHE D 324 -5.73 -41.61 1.07
N THR D 325 -6.65 -40.95 1.78
CA THR D 325 -6.95 -39.57 1.45
C THR D 325 -5.96 -38.59 2.06
N SER D 326 -5.17 -39.01 3.05
CA SER D 326 -4.17 -38.10 3.59
C SER D 326 -3.00 -37.93 2.63
N ILE D 327 -2.55 -39.03 2.00
CA ILE D 327 -1.47 -38.92 1.04
C ILE D 327 -1.95 -38.33 -0.27
N PHE D 328 -3.26 -38.35 -0.53
CA PHE D 328 -3.79 -37.70 -1.73
C PHE D 328 -4.10 -36.23 -1.49
N THR D 329 -4.46 -35.85 -0.26
CA THR D 329 -4.54 -34.44 0.09
C THR D 329 -3.17 -33.80 0.05
N LEU D 330 -2.15 -34.48 0.58
CA LEU D 330 -0.79 -34.00 0.49
C LEU D 330 -0.30 -34.01 -0.97
N CYS D 331 -0.83 -34.93 -1.78
CA CYS D 331 -0.53 -34.92 -3.21
C CYS D 331 -1.10 -33.68 -3.88
N THR D 332 -2.33 -33.30 -3.54
CA THR D 332 -2.94 -32.12 -4.14
C THR D 332 -2.36 -30.82 -3.57
N MET D 333 -1.82 -30.85 -2.35
CA MET D 333 -1.04 -29.73 -1.86
C MET D 333 0.22 -29.53 -2.70
N SER D 334 0.84 -30.64 -3.09
CA SER D 334 2.06 -30.57 -3.89
C SER D 334 1.79 -29.98 -5.27
N VAL D 335 0.71 -30.41 -5.92
CA VAL D 335 0.40 -29.84 -7.23
C VAL D 335 -0.20 -28.45 -7.10
N ASP D 336 -0.69 -28.07 -5.92
CA ASP D 336 -1.14 -26.69 -5.73
C ASP D 336 0.06 -25.75 -5.62
N ARG D 337 1.12 -26.18 -4.94
CA ARG D 337 2.31 -25.35 -4.84
C ARG D 337 3.09 -25.34 -6.14
N TYR D 338 3.00 -26.42 -6.93
CA TYR D 338 3.66 -26.45 -8.22
C TYR D 338 3.05 -25.45 -9.19
N ILE D 339 1.72 -25.35 -9.22
CA ILE D 339 1.05 -24.41 -10.12
C ILE D 339 1.08 -22.98 -9.60
N ALA D 340 1.65 -22.75 -8.42
CA ALA D 340 1.72 -21.41 -7.84
C ALA D 340 3.09 -20.78 -8.01
N VAL D 341 4.15 -21.43 -7.54
CA VAL D 341 5.48 -20.83 -7.54
C VAL D 341 6.21 -21.10 -8.85
N CYS D 342 6.29 -22.38 -9.25
CA CYS D 342 6.96 -22.72 -10.49
C CYS D 342 6.21 -22.17 -11.70
N HIS D 343 4.89 -22.25 -11.68
CA HIS D 343 4.08 -21.75 -12.76
C HIS D 343 3.98 -20.22 -12.70
N PRO D 344 3.71 -19.57 -13.84
CA PRO D 344 3.54 -18.11 -13.84
C PRO D 344 2.24 -17.64 -13.20
N VAL D 345 1.92 -16.36 -13.41
CA VAL D 345 0.76 -15.68 -12.84
C VAL D 345 -0.58 -16.35 -13.16
N LYS D 346 -0.60 -17.32 -14.09
CA LYS D 346 -1.77 -18.16 -14.34
C LYS D 346 -2.23 -18.94 -13.12
N ALA D 347 -1.43 -18.94 -12.04
CA ALA D 347 -1.87 -19.43 -10.73
C ALA D 347 -3.15 -18.73 -10.27
N LEU D 348 -3.37 -17.48 -10.68
CA LEU D 348 -4.67 -16.85 -10.45
C LEU D 348 -5.65 -17.19 -11.58
N ASP D 349 -5.73 -18.49 -11.88
CA ASP D 349 -6.80 -19.03 -12.72
C ASP D 349 -7.37 -20.33 -12.18
N PHE D 350 -6.75 -20.93 -11.16
CA PHE D 350 -7.23 -22.17 -10.56
C PHE D 350 -7.28 -22.07 -9.03
N ARG D 351 -6.75 -21.00 -8.46
CA ARG D 351 -6.75 -20.78 -7.01
C ARG D 351 -8.15 -20.51 -6.45
N THR D 352 -9.16 -20.33 -7.32
CA THR D 352 -10.51 -20.09 -6.86
C THR D 352 -11.01 -21.28 -6.04
N PRO D 353 -11.70 -21.05 -4.92
CA PRO D 353 -12.07 -22.16 -4.03
C PRO D 353 -13.06 -23.14 -4.63
N ARG D 354 -13.78 -22.78 -5.70
CA ARG D 354 -14.72 -23.72 -6.31
C ARG D 354 -13.99 -24.91 -6.89
N ASN D 355 -12.88 -24.67 -7.59
CA ASN D 355 -12.09 -25.76 -8.14
C ASN D 355 -11.44 -26.58 -7.04
N ALA D 356 -11.01 -25.93 -5.96
CA ALA D 356 -10.43 -26.66 -4.83
C ALA D 356 -11.46 -27.57 -4.16
N LYS D 357 -12.69 -27.07 -3.99
CA LYS D 357 -13.76 -27.90 -3.42
C LYS D 357 -14.10 -29.05 -4.35
N ILE D 358 -14.12 -28.81 -5.66
CA ILE D 358 -14.38 -29.87 -6.62
C ILE D 358 -13.29 -30.95 -6.53
N ILE D 359 -12.03 -30.51 -6.42
CA ILE D 359 -10.91 -31.45 -6.30
C ILE D 359 -11.02 -32.27 -5.03
N ASN D 360 -11.38 -31.61 -3.92
CA ASN D 360 -11.54 -32.32 -2.65
C ASN D 360 -12.67 -33.35 -2.72
N VAL D 361 -13.82 -32.97 -3.28
CA VAL D 361 -14.95 -33.89 -3.38
C VAL D 361 -14.61 -35.07 -4.28
N CYS D 362 -13.98 -34.83 -5.43
CA CYS D 362 -13.67 -35.95 -6.31
C CYS D 362 -12.54 -36.82 -5.76
N ASN D 363 -11.65 -36.24 -4.96
CA ASN D 363 -10.64 -37.05 -4.27
C ASN D 363 -11.28 -37.98 -3.26
N TRP D 364 -12.25 -37.48 -2.48
CA TRP D 364 -12.99 -38.34 -1.57
C TRP D 364 -13.81 -39.38 -2.32
N ILE D 365 -14.33 -39.03 -3.49
CA ILE D 365 -15.06 -39.98 -4.32
C ILE D 365 -14.14 -41.11 -4.76
N LEU D 366 -12.92 -40.77 -5.19
CA LEU D 366 -11.96 -41.79 -5.59
C LEU D 366 -11.56 -42.68 -4.42
N SER D 367 -11.37 -42.09 -3.24
CA SER D 367 -11.03 -42.86 -2.06
C SER D 367 -12.16 -43.81 -1.67
N SER D 368 -13.41 -43.35 -1.72
CA SER D 368 -14.54 -44.22 -1.41
C SER D 368 -14.75 -45.29 -2.48
N ALA D 369 -14.44 -44.97 -3.75
CA ALA D 369 -14.58 -45.95 -4.81
C ALA D 369 -13.54 -47.06 -4.67
N ILE D 370 -12.33 -46.72 -4.23
CA ILE D 370 -11.33 -47.75 -3.97
C ILE D 370 -11.51 -48.41 -2.61
N GLY D 371 -12.29 -47.81 -1.71
CA GLY D 371 -12.55 -48.38 -0.41
C GLY D 371 -13.86 -49.10 -0.24
N LEU D 372 -14.73 -49.10 -1.24
CA LEU D 372 -15.95 -49.91 -1.14
C LEU D 372 -15.74 -51.42 -1.01
N PRO D 373 -14.65 -52.05 -1.49
CA PRO D 373 -14.46 -53.48 -1.16
C PRO D 373 -14.33 -53.77 0.32
N VAL D 374 -13.76 -52.86 1.12
CA VAL D 374 -13.64 -53.15 2.54
C VAL D 374 -14.94 -52.87 3.29
N MET D 375 -15.84 -52.06 2.73
CA MET D 375 -17.21 -52.07 3.23
C MET D 375 -17.91 -53.36 2.86
N PHE D 376 -17.65 -53.87 1.65
CA PHE D 376 -18.36 -55.06 1.18
C PHE D 376 -17.90 -56.32 1.92
N MET D 377 -16.64 -56.37 2.34
CA MET D 377 -16.03 -57.61 2.84
C MET D 377 -15.55 -57.45 4.28
N ALA D 378 -16.37 -56.83 5.13
CA ALA D 378 -16.05 -56.68 6.55
C ALA D 378 -17.10 -57.41 7.37
N THR D 379 -16.66 -58.32 8.24
CA THR D 379 -17.55 -59.06 9.11
C THR D 379 -16.75 -59.54 10.30
N THR D 380 -17.46 -59.93 11.36
CA THR D 380 -16.85 -60.37 12.60
C THR D 380 -17.08 -61.87 12.75
N LYS D 381 -16.03 -62.59 13.11
CA LYS D 381 -16.08 -64.05 13.31
C LYS D 381 -15.81 -64.35 14.77
N TYR D 382 -16.73 -65.08 15.40
CA TYR D 382 -16.60 -65.44 16.81
C TYR D 382 -15.82 -66.75 16.93
N ARG D 383 -14.52 -66.66 16.63
CA ARG D 383 -13.65 -67.83 16.72
C ARG D 383 -13.42 -68.22 18.17
N GLN D 384 -13.10 -69.50 18.37
CA GLN D 384 -12.87 -70.00 19.72
C GLN D 384 -11.59 -69.43 20.32
N GLY D 385 -10.56 -69.25 19.49
CA GLY D 385 -9.31 -68.71 19.99
C GLY D 385 -9.42 -67.26 20.43
N SER D 386 -10.08 -66.44 19.61
CA SER D 386 -10.23 -65.02 19.90
C SER D 386 -11.35 -64.47 19.02
N ILE D 387 -11.64 -63.19 19.19
CA ILE D 387 -12.61 -62.47 18.37
C ILE D 387 -11.84 -61.56 17.42
N ASP D 388 -12.30 -61.50 16.18
CA ASP D 388 -11.62 -60.69 15.17
C ASP D 388 -12.62 -60.33 14.08
N CYS D 389 -12.43 -59.14 13.50
CA CYS D 389 -13.22 -58.68 12.37
C CYS D 389 -12.30 -58.10 11.31
N THR D 390 -11.26 -58.85 10.95
CA THR D 390 -10.34 -58.46 9.90
C THR D 390 -10.98 -58.68 8.53
N LEU D 391 -10.33 -58.11 7.51
CA LEU D 391 -10.85 -58.18 6.15
C LEU D 391 -10.69 -59.57 5.56
N THR D 392 -11.77 -60.10 5.00
CA THR D 392 -11.79 -61.41 4.35
C THR D 392 -11.86 -61.24 2.83
N PHE D 393 -11.72 -62.35 2.13
CA PHE D 393 -11.69 -62.34 0.68
C PHE D 393 -12.54 -63.47 0.12
N SER D 394 -13.04 -63.26 -1.09
CA SER D 394 -13.82 -64.26 -1.81
C SER D 394 -12.95 -64.89 -2.89
N HIS D 395 -12.96 -66.22 -2.96
CA HIS D 395 -12.08 -67.04 -3.81
C HIS D 395 -10.63 -66.63 -3.60
N PRO D 396 -10.03 -66.98 -2.46
CA PRO D 396 -8.70 -66.45 -2.10
C PRO D 396 -7.58 -66.91 -3.02
N THR D 397 -7.45 -68.23 -3.21
CA THR D 397 -6.30 -68.91 -3.83
C THR D 397 -4.99 -68.27 -3.41
N TRP D 398 -4.35 -67.56 -4.33
CA TRP D 398 -3.25 -66.66 -3.99
C TRP D 398 -3.38 -65.35 -4.77
N TYR D 399 -4.61 -65.01 -5.14
CA TYR D 399 -4.90 -63.88 -6.01
C TYR D 399 -5.59 -62.72 -5.29
N TRP D 400 -6.07 -62.92 -4.07
CA TRP D 400 -6.82 -61.89 -3.37
C TRP D 400 -6.30 -61.58 -1.97
N GLU D 401 -5.32 -62.32 -1.45
CA GLU D 401 -4.82 -62.06 -0.12
C GLU D 401 -3.59 -61.17 -0.09
N ASN D 402 -2.81 -61.13 -1.18
CA ASN D 402 -1.63 -60.28 -1.26
C ASN D 402 -1.72 -59.22 -2.35
N LEU D 403 -2.60 -59.39 -3.35
CA LEU D 403 -2.79 -58.36 -4.36
C LEU D 403 -3.34 -57.09 -3.74
N LEU D 404 -4.18 -57.21 -2.72
CA LEU D 404 -4.69 -56.02 -2.03
C LEU D 404 -3.57 -55.26 -1.33
N LYS D 405 -2.68 -55.99 -0.63
CA LYS D 405 -1.56 -55.35 0.05
C LYS D 405 -0.61 -54.69 -0.93
N ILE D 406 -0.32 -55.37 -2.04
CA ILE D 406 0.56 -54.82 -3.06
C ILE D 406 -0.07 -53.58 -3.69
N CYS D 407 -1.36 -53.65 -4.02
CA CYS D 407 -2.04 -52.52 -4.65
C CYS D 407 -2.16 -51.34 -3.71
N VAL D 408 -2.31 -51.58 -2.40
CA VAL D 408 -2.33 -50.48 -1.45
C VAL D 408 -0.95 -49.86 -1.33
N PHE D 409 0.10 -50.68 -1.26
CA PHE D 409 1.45 -50.17 -1.09
C PHE D 409 1.91 -49.38 -2.31
N ILE D 410 1.61 -49.86 -3.52
CA ILE D 410 2.06 -49.16 -4.72
C ILE D 410 1.22 -47.93 -5.04
N PHE D 411 0.05 -47.78 -4.42
CA PHE D 411 -0.81 -46.62 -4.64
C PHE D 411 -0.94 -45.74 -3.41
N ALA D 412 -0.02 -45.87 -2.47
CA ALA D 412 0.07 -44.97 -1.32
C ALA D 412 1.44 -44.36 -1.15
N PHE D 413 2.50 -45.07 -1.53
CA PHE D 413 3.87 -44.55 -1.47
C PHE D 413 4.58 -44.52 -2.81
N ILE D 414 4.35 -45.52 -3.68
CA ILE D 414 5.03 -45.52 -4.96
C ILE D 414 4.46 -44.44 -5.88
N MET D 415 3.14 -44.31 -5.94
CA MET D 415 2.54 -43.33 -6.84
C MET D 415 2.64 -41.89 -6.33
N PRO D 416 2.11 -41.51 -5.13
CA PRO D 416 2.02 -40.08 -4.82
C PRO D 416 3.28 -39.48 -4.20
N VAL D 417 4.05 -40.28 -3.46
CA VAL D 417 5.26 -39.73 -2.84
C VAL D 417 6.33 -39.46 -3.88
N LEU D 418 6.37 -40.25 -4.96
CA LEU D 418 7.30 -39.99 -6.05
C LEU D 418 6.99 -38.65 -6.73
N ILE D 419 5.69 -38.39 -6.99
CA ILE D 419 5.35 -37.13 -7.64
C ILE D 419 5.54 -35.96 -6.66
N ILE D 420 5.35 -36.19 -5.36
CA ILE D 420 5.60 -35.15 -4.36
C ILE D 420 7.08 -34.80 -4.31
N THR D 421 7.94 -35.83 -4.33
CA THR D 421 9.39 -35.59 -4.26
C THR D 421 9.90 -34.93 -5.53
N VAL D 422 9.41 -35.36 -6.69
CA VAL D 422 9.87 -34.71 -7.93
C VAL D 422 9.31 -33.29 -8.03
N CYS D 423 8.14 -33.04 -7.44
CA CYS D 423 7.59 -31.69 -7.43
C CYS D 423 8.41 -30.76 -6.54
N TYR D 424 8.80 -31.23 -5.34
CA TYR D 424 9.69 -30.42 -4.52
C TYR D 424 11.07 -30.25 -5.14
N GLY D 425 11.55 -31.25 -5.89
CA GLY D 425 12.80 -31.08 -6.60
C GLY D 425 12.71 -29.98 -7.66
N LEU D 426 11.60 -29.98 -8.42
CA LEU D 426 11.36 -28.91 -9.38
C LEU D 426 11.22 -27.56 -8.68
N MET D 427 10.56 -27.55 -7.51
CA MET D 427 10.38 -26.31 -6.76
C MET D 427 11.71 -25.75 -6.29
N ILE D 428 12.58 -26.61 -5.74
CA ILE D 428 13.87 -26.15 -5.25
C ILE D 428 14.77 -25.70 -6.39
N LEU D 429 14.76 -26.42 -7.52
CA LEU D 429 15.59 -25.97 -8.64
C LEU D 429 15.08 -24.67 -9.24
N ARG D 430 13.76 -24.49 -9.31
CA ARG D 430 13.19 -23.22 -9.78
C ARG D 430 13.52 -22.08 -8.83
N LEU D 431 13.49 -22.33 -7.53
CA LEU D 431 13.70 -21.27 -6.56
C LEU D 431 15.19 -20.96 -6.35
N LYS D 432 16.07 -21.91 -6.65
CA LYS D 432 17.49 -21.76 -6.32
C LYS D 432 18.37 -22.08 -7.51
N SER D 433 17.87 -21.87 -8.72
CA SER D 433 18.73 -21.81 -9.89
C SER D 433 19.06 -20.38 -10.31
N VAL D 434 18.15 -19.44 -10.06
CA VAL D 434 18.33 -18.04 -10.40
C VAL D 434 18.02 -17.21 -9.17
N ARG D 435 18.09 -15.89 -9.33
CA ARG D 435 17.78 -14.97 -8.26
C ARG D 435 16.26 -14.80 -8.16
N MET D 436 15.83 -13.85 -7.34
CA MET D 436 14.41 -13.56 -7.16
C MET D 436 14.14 -12.09 -7.45
N LEU D 437 12.98 -11.83 -8.04
CA LEU D 437 12.58 -10.47 -8.37
C LEU D 437 12.31 -9.65 -7.11
N SER D 438 12.55 -8.35 -7.22
CA SER D 438 12.36 -7.42 -6.10
C SER D 438 10.91 -6.95 -6.07
N GLY D 439 10.04 -7.87 -5.69
CA GLY D 439 8.60 -7.65 -5.66
C GLY D 439 8.09 -7.37 -4.27
N SER D 440 6.82 -7.71 -4.04
CA SER D 440 6.18 -7.49 -2.75
C SER D 440 6.68 -8.53 -1.77
N LYS D 441 7.70 -8.17 -1.00
CA LYS D 441 8.27 -9.15 -0.06
C LYS D 441 7.19 -9.46 0.98
N GLU D 442 6.46 -8.44 1.43
CA GLU D 442 5.47 -8.66 2.48
C GLU D 442 4.49 -9.76 2.09
N LYS D 443 4.06 -9.76 0.83
CA LYS D 443 3.14 -10.77 0.32
C LYS D 443 3.85 -12.00 -0.22
N ASP D 444 5.18 -12.05 -0.12
CA ASP D 444 5.96 -13.22 -0.52
C ASP D 444 6.53 -13.98 0.66
N ARG D 445 6.80 -13.31 1.79
CA ARG D 445 7.26 -14.00 2.98
C ARG D 445 6.19 -14.93 3.52
N ASN D 446 4.93 -14.52 3.45
CA ASN D 446 3.82 -15.38 3.85
C ASN D 446 3.73 -16.62 2.95
N LEU D 447 3.93 -16.43 1.64
CA LEU D 447 3.92 -17.56 0.71
C LEU D 447 5.07 -18.53 1.01
N ARG D 448 6.26 -17.98 1.31
CA ARG D 448 7.40 -18.83 1.66
C ARG D 448 7.14 -19.59 2.96
N ARG D 449 6.51 -18.92 3.94
CA ARG D 449 6.17 -19.59 5.19
C ARG D 449 5.16 -20.71 4.96
N ILE D 450 4.18 -20.47 4.08
CA ILE D 450 3.19 -21.50 3.75
C ILE D 450 3.87 -22.69 3.09
N THR D 451 4.79 -22.44 2.15
CA THR D 451 5.51 -23.54 1.50
C THR D 451 6.36 -24.30 2.49
N ARG D 452 6.99 -23.60 3.44
CA ARG D 452 7.78 -24.26 4.47
C ARG D 452 6.91 -25.15 5.35
N MET D 453 5.72 -24.66 5.73
CA MET D 453 4.81 -25.46 6.56
C MET D 453 4.33 -26.69 5.81
N VAL D 454 4.05 -26.55 4.50
CA VAL D 454 3.61 -27.68 3.70
C VAL D 454 4.72 -28.72 3.59
N LEU D 455 5.96 -28.27 3.39
CA LEU D 455 7.09 -29.19 3.32
C LEU D 455 7.30 -29.92 4.65
N VAL D 456 7.15 -29.20 5.76
CA VAL D 456 7.30 -29.83 7.07
C VAL D 456 6.20 -30.87 7.29
N VAL D 457 4.97 -30.55 6.87
CA VAL D 457 3.86 -31.51 7.00
C VAL D 457 4.13 -32.76 6.17
N VAL D 458 4.61 -32.58 4.93
CA VAL D 458 4.89 -33.71 4.06
C VAL D 458 6.01 -34.57 4.64
N ALA D 459 7.08 -33.93 5.14
CA ALA D 459 8.19 -34.67 5.69
C ALA D 459 7.80 -35.44 6.94
N VAL D 460 7.01 -34.84 7.83
CA VAL D 460 6.61 -35.55 9.04
C VAL D 460 5.65 -36.69 8.71
N PHE D 461 4.80 -36.50 7.70
CA PHE D 461 3.90 -37.58 7.28
C PHE D 461 4.69 -38.75 6.70
N ILE D 462 5.69 -38.46 5.87
CA ILE D 462 6.49 -39.53 5.27
C ILE D 462 7.28 -40.27 6.34
N VAL D 463 7.91 -39.55 7.26
CA VAL D 463 8.73 -40.22 8.27
C VAL D 463 7.86 -40.97 9.26
N CYS D 464 6.60 -40.57 9.45
CA CYS D 464 5.73 -41.28 10.37
C CYS D 464 4.86 -42.34 9.69
N TRP D 465 4.87 -42.44 8.36
CA TRP D 465 4.11 -43.49 7.69
C TRP D 465 4.95 -44.48 6.89
N THR D 466 6.23 -44.21 6.66
CA THR D 466 7.09 -45.21 6.01
C THR D 466 7.29 -46.50 6.80
N PRO D 467 7.64 -46.50 8.12
CA PRO D 467 8.01 -47.78 8.76
C PRO D 467 6.88 -48.78 8.84
N ILE D 468 5.65 -48.33 9.05
CA ILE D 468 4.52 -49.26 9.12
C ILE D 468 4.29 -49.93 7.76
N HIS D 469 4.45 -49.17 6.67
CA HIS D 469 4.25 -49.75 5.34
C HIS D 469 5.36 -50.72 4.98
N ILE D 470 6.61 -50.39 5.31
CA ILE D 470 7.67 -51.34 4.99
C ILE D 470 7.59 -52.57 5.87
N TYR D 471 7.09 -52.43 7.11
CA TYR D 471 6.85 -53.59 7.96
C TYR D 471 5.74 -54.46 7.40
N VAL D 472 4.70 -53.84 6.85
CA VAL D 472 3.62 -54.60 6.21
C VAL D 472 4.14 -55.37 5.02
N ILE D 473 4.98 -54.73 4.20
CA ILE D 473 5.52 -55.38 3.00
C ILE D 473 6.42 -56.57 3.39
N ILE D 474 7.31 -56.36 4.37
CA ILE D 474 8.20 -57.46 4.75
C ILE D 474 7.45 -58.53 5.54
N LYS D 475 6.31 -58.20 6.14
CA LYS D 475 5.48 -59.23 6.76
C LYS D 475 4.78 -60.07 5.70
N ALA D 476 4.29 -59.43 4.64
CA ALA D 476 3.55 -60.13 3.61
C ALA D 476 4.43 -60.82 2.58
N LEU D 477 5.71 -60.48 2.50
CA LEU D 477 6.60 -61.07 1.49
C LEU D 477 7.69 -61.93 2.10
N VAL D 478 8.51 -61.37 2.97
CA VAL D 478 9.61 -62.12 3.57
C VAL D 478 9.06 -63.14 4.57
N THR D 479 8.08 -62.72 5.38
CA THR D 479 7.40 -63.56 6.38
C THR D 479 8.39 -64.15 7.38
N ILE D 480 9.02 -63.25 8.14
CA ILE D 480 9.98 -63.63 9.17
C ILE D 480 9.24 -64.35 10.30
N PRO D 481 9.89 -65.28 10.99
CA PRO D 481 9.24 -65.94 12.14
C PRO D 481 8.97 -64.96 13.27
N GLU D 482 7.95 -65.28 14.06
CA GLU D 482 7.47 -64.37 15.09
C GLU D 482 8.48 -64.22 16.21
N THR D 483 8.40 -63.09 16.91
CA THR D 483 9.28 -62.79 18.02
C THR D 483 8.60 -61.78 18.93
N THR D 484 9.13 -61.64 20.14
CA THR D 484 8.59 -60.67 21.08
C THR D 484 8.93 -59.25 20.65
N PHE D 485 10.18 -59.00 20.26
CA PHE D 485 10.56 -57.65 19.87
C PHE D 485 9.94 -57.25 18.53
N GLN D 486 9.65 -58.23 17.67
CA GLN D 486 8.90 -57.92 16.45
C GLN D 486 7.49 -57.44 16.78
N THR D 487 6.83 -58.10 17.73
CA THR D 487 5.51 -57.66 18.16
C THR D 487 5.57 -56.29 18.82
N VAL D 488 6.61 -56.04 19.62
CA VAL D 488 6.78 -54.72 20.23
C VAL D 488 6.99 -53.65 19.17
N SER D 489 7.79 -53.97 18.14
CA SER D 489 8.00 -53.05 17.03
C SER D 489 6.72 -52.78 16.27
N TRP D 490 5.90 -53.81 16.07
CA TRP D 490 4.63 -53.63 15.38
C TRP D 490 3.69 -52.73 16.17
N HIS D 491 3.59 -52.98 17.48
CA HIS D 491 2.70 -52.16 18.30
C HIS D 491 3.23 -50.74 18.49
N PHE D 492 4.54 -50.54 18.37
CA PHE D 492 5.07 -49.17 18.38
C PHE D 492 4.80 -48.46 17.07
N CYS D 493 5.00 -49.15 15.94
CA CYS D 493 4.85 -48.49 14.65
C CYS D 493 3.39 -48.26 14.29
N ILE D 494 2.46 -49.03 14.86
CA ILE D 494 1.04 -48.72 14.68
C ILE D 494 0.71 -47.37 15.31
N ALA D 495 1.16 -47.14 16.55
CA ALA D 495 0.94 -45.85 17.20
C ALA D 495 1.71 -44.74 16.51
N LEU D 496 2.90 -45.04 15.99
CA LEU D 496 3.65 -44.04 15.25
C LEU D 496 2.95 -43.63 13.96
N GLY D 497 2.27 -44.58 13.30
CA GLY D 497 1.44 -44.21 12.16
C GLY D 497 0.22 -43.41 12.55
N TYR D 498 -0.43 -43.79 13.66
CA TYR D 498 -1.65 -43.10 14.08
C TYR D 498 -1.41 -41.73 14.68
N THR D 499 -0.20 -41.43 15.15
CA THR D 499 0.04 -40.16 15.83
C THR D 499 0.11 -38.97 14.89
N ASN D 500 0.07 -39.20 13.57
CA ASN D 500 0.07 -38.10 12.61
C ASN D 500 -1.16 -37.22 12.76
N SER D 501 -2.31 -37.85 13.05
CA SER D 501 -3.57 -37.12 13.17
C SER D 501 -3.54 -36.11 14.32
N CYS D 502 -2.74 -36.37 15.35
CA CYS D 502 -2.57 -35.43 16.44
C CYS D 502 -1.34 -34.55 16.28
N LEU D 503 -0.34 -34.99 15.50
CA LEU D 503 0.83 -34.17 15.29
C LEU D 503 0.54 -33.02 14.34
N ASN D 504 -0.33 -33.23 13.35
CA ASN D 504 -0.60 -32.18 12.36
C ASN D 504 -1.23 -30.90 12.93
N PRO D 505 -2.30 -30.94 13.77
CA PRO D 505 -2.86 -29.67 14.25
C PRO D 505 -1.92 -28.84 15.10
N VAL D 506 -1.04 -29.47 15.89
CA VAL D 506 -0.05 -28.68 16.62
C VAL D 506 1.09 -28.29 15.70
N LEU D 507 1.25 -28.96 14.57
CA LEU D 507 2.34 -28.64 13.64
C LEU D 507 2.02 -27.37 12.85
N TYR D 508 0.90 -27.36 12.12
CA TYR D 508 0.64 -26.17 11.31
C TYR D 508 0.15 -24.98 12.13
N ALA D 509 -0.11 -25.16 13.42
CA ALA D 509 -0.37 -24.04 14.32
C ALA D 509 0.82 -23.70 15.20
N PHE D 510 1.96 -24.38 15.01
CA PHE D 510 3.13 -24.09 15.84
C PHE D 510 3.73 -22.74 15.49
N LEU D 511 3.90 -22.47 14.19
CA LEU D 511 4.45 -21.19 13.72
C LEU D 511 3.57 -20.70 12.58
N ASP D 512 2.50 -19.99 12.94
CA ASP D 512 1.61 -19.38 11.97
C ASP D 512 0.77 -18.32 12.69
N GLU D 513 0.79 -17.10 12.15
CA GLU D 513 0.14 -15.98 12.81
C GLU D 513 -1.38 -15.98 12.65
N ASN D 514 -1.93 -16.83 11.77
CA ASN D 514 -3.37 -16.82 11.55
C ASN D 514 -4.12 -17.44 12.72
N PHE D 515 -3.58 -18.51 13.30
CA PHE D 515 -4.26 -19.20 14.40
C PHE D 515 -3.80 -18.74 15.77
N LYS D 516 -2.62 -18.11 15.87
CA LYS D 516 -2.03 -17.82 17.17
C LYS D 516 -2.82 -16.76 17.93
N ARG D 517 -3.29 -15.72 17.25
CA ARG D 517 -4.03 -14.69 17.97
C ARG D 517 -5.42 -15.18 18.39
N CYS D 518 -6.04 -16.08 17.60
CA CYS D 518 -7.28 -16.70 18.03
C CYS D 518 -7.06 -17.59 19.26
N PHE D 519 -5.96 -18.35 19.26
CA PHE D 519 -5.65 -19.20 20.40
C PHE D 519 -5.39 -18.36 21.65
N ARG D 520 -4.66 -17.24 21.49
CA ARG D 520 -4.40 -16.36 22.62
C ARG D 520 -5.65 -15.66 23.11
N GLU D 521 -6.57 -15.32 22.21
CA GLU D 521 -7.81 -14.67 22.63
C GLU D 521 -8.72 -15.64 23.37
N PHE D 522 -8.86 -16.87 22.88
CA PHE D 522 -9.73 -17.84 23.54
C PHE D 522 -9.10 -18.44 24.80
N CYS D 523 -7.78 -18.47 24.90
CA CYS D 523 -7.13 -19.09 26.06
C CYS D 523 -7.29 -18.27 27.32
N ILE D 524 -7.64 -16.99 27.21
CA ILE D 524 -7.77 -16.11 28.36
C ILE D 524 -8.99 -16.48 29.18
C3' VSN E . 22.89 22.42 -9.44
C4' VSN E . 22.87 22.61 -7.89
C5' VSN E . 21.61 21.97 -7.32
C1' VSN E . 24.86 21.68 -8.65
C2' VSN E . 24.09 21.54 -9.69
C8 VSN E . 25.32 19.28 -8.33
C5 VSN E . 27.44 19.19 -8.15
C4 VSN E . 27.06 20.54 -8.35
C2 VSN E . 29.29 21.26 -8.27
C6 VSN E . 28.87 18.88 -8.01
N9 VSN E . 25.70 20.52 -8.46
N7 VSN E . 26.35 18.45 -8.16
N3 VSN E . 27.99 21.54 -8.40
N2 VSN E . 30.20 22.25 -8.32
N1 VSN E . 29.69 19.96 -8.08
O3' VSN E . 23.06 23.69 -10.07
O5' VSN E . 21.43 20.72 -7.95
OP2 VSN E . 19.99 18.65 -8.59
OP3 VSN E . 19.08 20.25 -6.80
O3B VSN E . 18.50 18.29 -5.26
O2B VSN E . 17.15 18.66 -7.35
OP1 VSN E . 19.24 20.92 -9.23
O4' VSN E . 24.02 21.83 -7.51
O2' VSN E . 24.78 22.02 -10.85
O6 VSN E . 29.33 17.78 -7.85
P VSN E . 19.90 20.15 -8.18
PB VSN E . 17.88 19.35 -6.19
S1B VSN E . 16.66 20.40 -5.20
C01 A1APV F . -0.76 -47.49 11.09
C02 A1APV F . -2.01 -47.97 11.08
C03 A1APV F . -2.76 -48.03 9.77
N04 A1APV F . -3.23 -49.42 9.56
C05 A1APV F . -4.24 -49.45 8.47
C06 A1APV F . -4.70 -50.90 8.16
C07 A1APV F . -3.50 -51.86 7.99
C08 A1APV F . -3.98 -53.23 7.55
C09 A1APV F . -2.92 -54.30 7.86
O10 A1APV F . -2.74 -55.21 7.10
C11 A1APV F . -2.13 -54.20 9.13
C12 A1APV F . -1.49 -52.80 9.23
C13 A1APV F . -2.60 -51.75 9.22
C14 A1APV F . -2.08 -50.29 9.25
C15 A1APV F . -1.27 -49.87 7.98
C16 A1APV F . -1.64 -50.61 6.70
C17 A1APV F . -2.65 -51.50 6.77
C18 A1APV F . -3.10 -52.27 5.70
C19 A1APV F . -2.50 -52.14 4.47
C20 A1APV F . -1.46 -51.24 4.34
C21 A1APV F . -1.01 -50.48 5.43
O22 A1APV F . -2.93 -52.89 3.39
O23 A1APV F . -4.14 -53.09 6.10
O24 A1APV F . -3.40 -51.95 10.37
#